data_6T93
#
_entry.id   6T93
#
_cell.length_a   1.00
_cell.length_b   1.00
_cell.length_c   1.00
_cell.angle_alpha   90.00
_cell.angle_beta   90.00
_cell.angle_gamma   90.00
#
_symmetry.space_group_name_H-M   'P 1'
#
loop_
_entity.id
_entity.type
_entity.pdbx_description
1 polymer 'Histone H3.1'
2 polymer 'Histone H4'
3 polymer 'Histone H2A type 1-B/E'
4 polymer 'Histone H2B type 1-J'
5 polymer 'DNA (153-MER)'
6 polymer 'DNA (153-MER)'
#
loop_
_entity_poly.entity_id
_entity_poly.type
_entity_poly.pdbx_seq_one_letter_code
_entity_poly.pdbx_strand_id
1 'polypeptide(L)'
;GSHMARTKQTARKSTGGKAPRKQLATKAARKSAPATGGVKKPHRYRPGTVALREIRRYQKSTELLIRKLPFQRLVREIAQ
DFKTDLRFQSSAVMALQEACEAYLVGLFEDTNLCAIHAKRVTIMPKDIQLARRIRGERA
;
A,E
2 'polypeptide(L)'
;GSHMSGRGKGGKGLGKGGAKRHRKVLRDNIQGITKPAIRRLARRGGVKRISGLIYEETRGVLKVFLENVIRDAVTYTEHA
KRKTVTAMDVVYALKRQGRTLYGFGG
;
B,F
3 'polypeptide(L)'
;GSHMSGRGKQGGKARAKAKTRSSRAGLQFPVGRVHRLLRKGNYSERVGAGAPVYLAAVLEYLTAEILELAGNAARDNKKT
RIIPRHLQLAIRNDEELNKLLGRVTIAQGGVLPNIQAVLLPKKTESHHKAKGK
;
C,G
4 'polypeptide(L)'
;GSHMPEPAKSAPAPKKGSKKAVTKAQKKDGKKRKRSRKESYSIYVYKVLKQVHPDTGISSKAMGIMNSFVNDIFERIAGE
ASRLAHYNKRSTITSREIQTAVRLLLPGELAKHAVSEGTKAVTKYTSAK
;
D,H
5 'polydeoxyribonucleotide'
;(DA)(DT)(DC)(DC)(DT)(DG)(DG)(DA)(DG)(DA)(DC)(DT)(DT)(DT)(DG)(DT)(DT)(DA)(DT)(DG)
(DC)(DA)(DA)(DA)(DT)(DC)(DC)(DG)(DC)(DT)(DC)(DA)(DA)(DT)(DT)(DG)(DG)(DT)(DC)(DG)
(DT)(DA)(DG)(DA)(DC)(DA)(DG)(DC)(DT)(DC)(DT)(DA)(DG)(DC)(DA)(DC)(DC)(DG)(DC)(DT)
(DT)(DA)(DA)(DA)(DC)(DG)(DC)(DA)(DC)(DG)(DT)(DA)(DC)(DG)(DC)(DG)(DC)(DT)(DG)(DT)
(DC)(DC)(DC)(DC)(DC)(DG)(DC)(DG)(DT)(DT)(DT)(DT)(DA)(DA)(DC)(DC)(DG)(DC)(DC)(DA)
(DA)(DG)(DG)(DG)(DG)(DA)(DT)(DT)(DA)(DC)(DT)(DC)(DC)(DC)(DT)(DA)(DG)(DT)(DC)(DT)
(DC)(DC)(DA)(DG)(DG)(DC)(DA)(DC)(DG)(DT)(DG)(DT)(DC)(DA)(DG)(DA)(DT)(DA)(DT)(DA)
(DT)(DA)(DC)(DA)(DT)(DC)(DC)(DT)(DG)(DT)(DG)(DA)(DT)
;
I
6 'polydeoxyribonucleotide'
;(DA)(DT)(DC)(DA)(DC)(DA)(DG)(DG)(DA)(DT)(DG)(DT)(DA)(DT)(DA)(DT)(DA)(DT)(DC)(DT)
(DG)(DA)(DC)(DA)(DC)(DG)(DT)(DG)(DC)(DC)(DT)(DG)(DG)(DA)(DG)(DA)(DC)(DT)(DA)(DG)
(DG)(DG)(DA)(DG)(DT)(DA)(DA)(DT)(DC)(DC)(DC)(DC)(DT)(DT)(DG)(DG)(DC)(DG)(DG)(DT)
(DT)(DA)(DA)(DA)(DA)(DC)(DG)(DC)(DG)(DG)(DG)(DG)(DG)(DA)(DC)(DA)(DG)(DC)(DG)(DC)
(DG)(DT)(DA)(DC)(DG)(DT)(DG)(DC)(DG)(DT)(DT)(DT)(DA)(DA)(DG)(DC)(DG)(DG)(DT)(DG)
(DC)(DT)(DA)(DG)(DA)(DG)(DC)(DT)(DG)(DT)(DC)(DT)(DA)(DC)(DG)(DA)(DC)(DC)(DA)(DA)
(DT)(DT)(DG)(DA)(DG)(DC)(DG)(DG)(DA)(DT)(DT)(DT)(DG)(DC)(DA)(DT)(DA)(DA)(DC)(DA)
(DA)(DA)(DG)(DT)(DC)(DT)(DC)(DC)(DA)(DG)(DG)(DA)(DT)
;
J
#
# COMPACT_ATOMS: atom_id res chain seq x y z
N PRO A 42 39.78 -35.72 -19.94
CA PRO A 42 38.89 -34.58 -19.74
C PRO A 42 38.15 -34.68 -18.42
N HIS A 43 37.55 -33.57 -18.00
CA HIS A 43 36.75 -33.53 -16.78
C HIS A 43 35.62 -32.54 -16.95
N ARG A 44 34.44 -32.91 -16.43
CA ARG A 44 33.29 -32.02 -16.51
C ARG A 44 32.47 -32.03 -15.25
N TYR A 45 31.77 -30.92 -15.02
CA TYR A 45 30.72 -30.87 -14.03
C TYR A 45 29.39 -31.13 -14.71
N ARG A 46 28.49 -31.80 -14.01
CA ARG A 46 27.22 -32.17 -14.58
C ARG A 46 26.19 -31.05 -14.59
N PRO A 47 25.20 -31.12 -15.48
CA PRO A 47 24.10 -30.20 -15.57
C PRO A 47 23.43 -30.01 -14.22
N GLY A 48 23.33 -28.76 -13.81
CA GLY A 48 22.62 -28.40 -12.60
C GLY A 48 23.56 -28.27 -11.40
N THR A 49 24.75 -28.85 -11.49
CA THR A 49 25.64 -28.80 -10.33
C THR A 49 26.31 -27.44 -10.27
N VAL A 50 26.64 -26.89 -11.42
CA VAL A 50 27.24 -25.58 -11.48
C VAL A 50 26.23 -24.53 -11.11
N ALA A 51 25.02 -24.71 -11.60
CA ALA A 51 23.96 -23.75 -11.36
C ALA A 51 23.72 -23.58 -9.88
N LEU A 52 23.78 -24.67 -9.13
CA LEU A 52 23.57 -24.57 -7.70
C LEU A 52 24.64 -23.71 -7.05
N ARG A 53 25.88 -23.87 -7.46
CA ARG A 53 26.92 -23.04 -6.87
C ARG A 53 26.71 -21.58 -7.18
N GLU A 54 26.27 -21.30 -8.40
CA GLU A 54 26.00 -19.94 -8.77
C GLU A 54 24.86 -19.37 -7.93
N ILE A 55 23.84 -20.18 -7.68
CA ILE A 55 22.74 -19.70 -6.87
C ILE A 55 23.24 -19.27 -5.52
N ARG A 56 24.06 -20.10 -4.92
CA ARG A 56 24.57 -19.77 -3.62
C ARG A 56 25.35 -18.48 -3.61
N ARG A 57 26.24 -18.34 -4.58
CA ARG A 57 27.11 -17.19 -4.60
C ARG A 57 26.37 -15.90 -4.83
N TYR A 58 25.40 -15.94 -5.73
CA TYR A 58 24.71 -14.72 -6.05
C TYR A 58 23.76 -14.33 -4.93
N GLN A 59 23.20 -15.32 -4.24
CA GLN A 59 22.39 -15.00 -3.09
C GLN A 59 23.24 -14.34 -2.02
N LYS A 60 24.46 -14.86 -1.89
CA LYS A 60 25.37 -14.42 -0.86
C LYS A 60 25.97 -13.04 -1.05
N SER A 61 26.44 -12.74 -2.25
CA SER A 61 27.12 -11.48 -2.45
C SER A 61 26.14 -10.32 -2.51
N THR A 62 26.64 -9.10 -2.40
CA THR A 62 25.76 -7.94 -2.37
C THR A 62 25.96 -6.95 -3.52
N GLU A 63 26.95 -7.19 -4.37
CA GLU A 63 27.24 -6.27 -5.46
C GLU A 63 26.17 -6.32 -6.54
N LEU A 64 26.12 -5.27 -7.33
CA LEU A 64 25.19 -5.17 -8.44
C LEU A 64 25.52 -6.19 -9.52
N LEU A 65 24.48 -6.74 -10.13
CA LEU A 65 24.65 -7.76 -11.16
C LEU A 65 24.51 -7.18 -12.55
N ILE A 66 23.73 -6.10 -12.67
CA ILE A 66 23.57 -5.41 -13.94
C ILE A 66 24.70 -4.42 -14.12
N ARG A 67 25.28 -4.41 -15.30
CA ARG A 67 26.37 -3.49 -15.60
C ARG A 67 25.92 -2.06 -15.59
N LYS A 68 26.79 -1.19 -15.14
CA LYS A 68 26.43 0.19 -14.86
C LYS A 68 26.17 1.01 -16.10
N LEU A 69 27.12 1.07 -17.01
CA LEU A 69 26.91 1.95 -18.15
C LEU A 69 25.70 1.57 -18.98
N PRO A 70 25.49 0.29 -19.32
CA PRO A 70 24.31 -0.21 -19.98
C PRO A 70 23.04 0.21 -19.25
N PHE A 71 23.06 0.10 -17.93
CA PHE A 71 21.89 0.49 -17.16
C PHE A 71 21.65 1.97 -17.25
N GLN A 72 22.69 2.76 -17.09
CA GLN A 72 22.53 4.21 -17.12
C GLN A 72 21.93 4.64 -18.43
N ARG A 73 22.42 4.04 -19.50
CA ARG A 73 21.92 4.39 -20.81
C ARG A 73 20.47 4.03 -20.95
N LEU A 74 20.08 2.88 -20.41
CA LEU A 74 18.69 2.47 -20.47
C LEU A 74 17.82 3.49 -19.76
N VAL A 75 18.28 3.99 -18.63
CA VAL A 75 17.50 4.96 -17.88
C VAL A 75 17.22 6.17 -18.73
N ARG A 76 18.24 6.66 -19.40
CA ARG A 76 18.09 7.84 -20.23
C ARG A 76 17.33 7.58 -21.51
N GLU A 77 17.53 6.42 -22.11
CA GLU A 77 16.83 6.08 -23.32
C GLU A 77 15.33 6.16 -23.08
N ILE A 78 14.91 5.71 -21.90
CA ILE A 78 13.52 5.79 -21.54
C ILE A 78 13.12 7.21 -21.20
N ALA A 79 13.91 7.88 -20.38
CA ALA A 79 13.56 9.21 -19.91
C ALA A 79 13.41 10.22 -21.04
N GLN A 80 14.23 10.09 -22.08
CA GLN A 80 14.22 11.06 -23.17
C GLN A 80 12.90 11.07 -23.92
N ASP A 81 12.13 9.99 -23.78
CA ASP A 81 10.86 9.86 -24.49
C ASP A 81 9.84 10.81 -23.88
N PHE A 82 10.12 11.22 -22.66
CA PHE A 82 9.27 12.14 -21.94
C PHE A 82 9.83 13.53 -22.00
N LYS A 83 11.15 13.64 -21.86
CA LYS A 83 11.80 14.94 -21.80
C LYS A 83 13.23 14.91 -22.30
N THR A 84 13.56 15.86 -23.16
CA THR A 84 14.92 16.02 -23.62
C THR A 84 15.73 16.83 -22.62
N ASP A 85 17.04 16.78 -22.75
CA ASP A 85 17.91 17.60 -21.93
C ASP A 85 17.71 17.32 -20.44
N LEU A 86 17.45 16.07 -20.11
CA LEU A 86 17.27 15.66 -18.73
C LEU A 86 18.56 15.11 -18.20
N ARG A 87 18.86 15.36 -16.93
CA ARG A 87 20.10 14.89 -16.34
C ARG A 87 19.92 14.17 -15.04
N PHE A 88 20.93 13.40 -14.65
CA PHE A 88 20.85 12.61 -13.44
C PHE A 88 22.09 12.72 -12.57
N GLN A 89 21.88 12.73 -11.26
CA GLN A 89 23.00 12.57 -10.34
C GLN A 89 23.44 11.12 -10.33
N SER A 90 24.71 10.88 -10.06
CA SER A 90 25.20 9.51 -10.07
C SER A 90 24.50 8.67 -9.02
N SER A 91 24.11 9.31 -7.93
CA SER A 91 23.42 8.61 -6.86
C SER A 91 22.00 8.26 -7.26
N ALA A 92 21.42 9.03 -8.18
CA ALA A 92 20.06 8.77 -8.63
C ALA A 92 20.04 7.54 -9.49
N VAL A 93 21.07 7.39 -10.31
CA VAL A 93 21.13 6.26 -11.20
C VAL A 93 21.30 4.99 -10.40
N MET A 94 22.18 5.02 -9.40
CA MET A 94 22.36 3.85 -8.56
C MET A 94 21.09 3.52 -7.81
N ALA A 95 20.39 4.53 -7.33
CA ALA A 95 19.16 4.26 -6.61
C ALA A 95 18.18 3.53 -7.51
N LEU A 96 18.10 3.95 -8.76
CA LEU A 96 17.22 3.28 -9.70
C LEU A 96 17.67 1.86 -9.92
N GLN A 97 18.97 1.66 -10.06
CA GLN A 97 19.45 0.34 -10.38
C GLN A 97 19.17 -0.64 -9.27
N GLU A 98 19.38 -0.24 -8.03
CA GLU A 98 19.16 -1.17 -6.94
C GLU A 98 17.70 -1.54 -6.82
N ALA A 99 16.83 -0.56 -7.02
CA ALA A 99 15.41 -0.85 -6.97
C ALA A 99 15.03 -1.82 -8.06
N CYS A 100 15.62 -1.65 -9.23
CA CYS A 100 15.31 -2.51 -10.36
C CYS A 100 15.73 -3.94 -10.11
N GLU A 101 16.93 -4.12 -9.56
CA GLU A 101 17.37 -5.46 -9.30
C GLU A 101 16.52 -6.09 -8.22
N ALA A 102 16.23 -5.34 -7.18
CA ALA A 102 15.43 -5.88 -6.10
C ALA A 102 14.07 -6.34 -6.63
N TYR A 103 13.51 -5.57 -7.55
CA TYR A 103 12.25 -5.93 -8.13
C TYR A 103 12.33 -7.22 -8.91
N LEU A 104 13.30 -7.32 -9.80
CA LEU A 104 13.42 -8.50 -10.62
C LEU A 104 13.76 -9.73 -9.81
N VAL A 105 14.58 -9.57 -8.80
CA VAL A 105 14.97 -10.71 -8.00
C VAL A 105 13.77 -11.28 -7.27
N GLY A 106 12.96 -10.41 -6.68
CA GLY A 106 11.75 -10.85 -6.01
C GLY A 106 10.81 -11.50 -7.02
N LEU A 107 10.76 -10.95 -8.22
CA LEU A 107 9.92 -11.49 -9.27
C LEU A 107 10.34 -12.90 -9.61
N PHE A 108 11.64 -13.10 -9.76
CA PHE A 108 12.15 -14.39 -10.14
C PHE A 108 11.90 -15.43 -9.06
N GLU A 109 12.00 -15.05 -7.81
CA GLU A 109 11.71 -16.00 -6.75
C GLU A 109 10.26 -16.47 -6.83
N ASP A 110 9.34 -15.54 -7.06
CA ASP A 110 7.93 -15.90 -7.15
C ASP A 110 7.68 -16.72 -8.42
N THR A 111 8.41 -16.38 -9.47
CA THR A 111 8.33 -17.10 -10.73
C THR A 111 8.77 -18.53 -10.52
N ASN A 112 9.86 -18.69 -9.77
CA ASN A 112 10.40 -20.00 -9.50
C ASN A 112 9.39 -20.86 -8.76
N LEU A 113 8.69 -20.26 -7.80
CA LEU A 113 7.71 -21.00 -7.03
C LEU A 113 6.57 -21.45 -7.92
N CYS A 114 6.17 -20.60 -8.85
CA CYS A 114 5.09 -20.95 -9.75
C CYS A 114 5.47 -22.15 -10.60
N ALA A 115 6.71 -22.17 -11.07
CA ALA A 115 7.18 -23.30 -11.86
C ALA A 115 7.22 -24.57 -11.02
N ILE A 116 7.65 -24.45 -9.77
CA ILE A 116 7.70 -25.59 -8.88
C ILE A 116 6.30 -26.14 -8.65
N HIS A 117 5.34 -25.25 -8.49
CA HIS A 117 3.95 -25.63 -8.28
C HIS A 117 3.41 -26.45 -9.45
N ALA A 118 4.04 -26.29 -10.61
CA ALA A 118 3.64 -26.97 -11.82
C ALA A 118 4.58 -28.13 -12.08
N LYS A 119 5.36 -28.47 -11.06
CA LYS A 119 6.33 -29.55 -11.12
C LYS A 119 7.41 -29.35 -12.13
N ARG A 120 7.91 -28.13 -12.24
CA ARG A 120 8.99 -27.87 -13.16
C ARG A 120 10.16 -27.18 -12.50
N VAL A 121 11.33 -27.35 -13.12
CA VAL A 121 12.54 -26.67 -12.70
C VAL A 121 12.80 -25.49 -13.60
N THR A 122 12.51 -25.67 -14.88
CA THR A 122 12.72 -24.62 -15.87
C THR A 122 11.60 -23.59 -15.77
N ILE A 123 11.97 -22.32 -15.72
CA ILE A 123 10.94 -21.27 -15.70
C ILE A 123 10.58 -20.81 -17.10
N MET A 124 9.29 -20.57 -17.30
CA MET A 124 8.77 -20.08 -18.57
C MET A 124 8.09 -18.73 -18.36
N PRO A 125 7.87 -17.94 -19.40
CA PRO A 125 7.20 -16.65 -19.39
C PRO A 125 5.88 -16.73 -18.65
N LYS A 126 5.25 -17.90 -18.70
CA LYS A 126 3.99 -18.13 -18.05
C LYS A 126 4.08 -17.96 -16.56
N ASP A 127 5.22 -18.36 -16.01
CA ASP A 127 5.38 -18.40 -14.58
C ASP A 127 5.62 -16.99 -14.11
N ILE A 128 6.24 -16.19 -14.95
CA ILE A 128 6.41 -14.80 -14.63
C ILE A 128 5.06 -14.12 -14.63
N GLN A 129 4.30 -14.38 -15.67
CA GLN A 129 3.01 -13.74 -15.86
C GLN A 129 2.02 -14.15 -14.78
N LEU A 130 2.05 -15.41 -14.39
CA LEU A 130 1.15 -15.85 -13.34
C LEU A 130 1.45 -15.15 -12.04
N ALA A 131 2.73 -15.10 -11.67
CA ALA A 131 3.09 -14.51 -10.39
C ALA A 131 2.65 -13.05 -10.35
N ARG A 132 2.84 -12.35 -11.44
CA ARG A 132 2.50 -10.93 -11.46
C ARG A 132 1.02 -10.71 -11.41
N ARG A 133 0.30 -11.52 -12.14
CA ARG A 133 -1.14 -11.38 -12.20
C ARG A 133 -1.77 -11.63 -10.85
N ILE A 134 -1.23 -12.57 -10.11
CA ILE A 134 -1.72 -12.84 -8.77
C ILE A 134 -1.56 -11.61 -7.89
N ARG A 135 -0.56 -10.79 -8.20
CA ARG A 135 -0.33 -9.60 -7.41
C ARG A 135 -1.07 -8.38 -7.95
N GLY A 136 -1.86 -8.57 -8.99
CA GLY A 136 -2.70 -7.50 -9.53
C GLY A 136 -1.92 -6.51 -10.38
N GLU A 137 -0.84 -6.95 -10.99
CA GLU A 137 -0.03 -6.05 -11.80
C GLU A 137 -0.63 -5.86 -13.18
N LEU B 26 19.85 8.03 -28.02
CA LEU B 26 19.98 6.70 -27.44
C LEU B 26 18.93 5.75 -27.98
N ARG B 27 19.38 4.54 -28.33
CA ARG B 27 18.53 3.42 -28.66
C ARG B 27 18.98 2.05 -28.26
N ASP B 28 18.05 1.12 -28.12
CA ASP B 28 18.37 -0.28 -27.91
C ASP B 28 19.39 -0.53 -26.83
N ASN B 29 19.21 0.13 -25.69
CA ASN B 29 20.06 -0.15 -24.56
C ASN B 29 19.35 -1.13 -23.66
N ILE B 30 18.16 -1.53 -24.07
CA ILE B 30 17.40 -2.55 -23.36
C ILE B 30 18.10 -3.88 -23.53
N GLN B 31 18.79 -4.03 -24.66
CA GLN B 31 19.60 -5.19 -24.93
C GLN B 31 20.88 -5.15 -24.12
N GLY B 32 21.14 -4.00 -23.50
CA GLY B 32 22.30 -3.80 -22.66
C GLY B 32 22.16 -4.64 -21.41
N ILE B 33 20.95 -5.10 -21.16
CA ILE B 33 20.71 -6.03 -20.07
C ILE B 33 20.89 -7.40 -20.68
N THR B 34 22.11 -7.90 -20.58
CA THR B 34 22.53 -9.06 -21.33
C THR B 34 22.09 -10.34 -20.64
N LYS B 35 22.16 -11.44 -21.37
CA LYS B 35 21.72 -12.71 -20.83
C LYS B 35 22.29 -13.03 -19.46
N PRO B 36 23.61 -12.94 -19.25
CA PRO B 36 24.24 -13.16 -17.98
C PRO B 36 23.63 -12.31 -16.88
N ALA B 37 23.23 -11.08 -17.19
CA ALA B 37 22.65 -10.25 -16.15
C ALA B 37 21.32 -10.82 -15.74
N ILE B 38 20.55 -11.24 -16.72
CA ILE B 38 19.23 -11.79 -16.47
C ILE B 38 19.35 -13.06 -15.68
N ARG B 39 20.29 -13.90 -16.08
CA ARG B 39 20.51 -15.15 -15.39
C ARG B 39 20.81 -14.95 -13.94
N ARG B 40 21.73 -14.05 -13.68
CA ARG B 40 22.22 -13.85 -12.34
C ARG B 40 21.16 -13.31 -11.42
N LEU B 41 20.33 -12.42 -11.94
CA LEU B 41 19.24 -11.90 -11.14
C LEU B 41 18.31 -13.03 -10.79
N ALA B 42 18.05 -13.90 -11.77
CA ALA B 42 17.19 -15.03 -11.55
C ALA B 42 17.81 -15.97 -10.53
N ARG B 43 19.12 -16.15 -10.60
CA ARG B 43 19.83 -17.02 -9.67
C ARG B 43 19.71 -16.53 -8.25
N ARG B 44 19.85 -15.24 -8.06
CA ARG B 44 19.72 -14.69 -6.74
C ARG B 44 18.34 -15.01 -6.19
N GLY B 45 17.35 -15.07 -7.08
CA GLY B 45 15.98 -15.38 -6.73
C GLY B 45 15.76 -16.88 -6.51
N GLY B 46 16.80 -17.67 -6.72
CA GLY B 46 16.72 -19.11 -6.51
C GLY B 46 16.39 -19.88 -7.78
N VAL B 47 16.40 -19.20 -8.92
CA VAL B 47 16.10 -19.85 -10.17
C VAL B 47 17.30 -20.63 -10.68
N LYS B 48 17.07 -21.88 -10.99
CA LYS B 48 18.13 -22.76 -11.45
C LYS B 48 18.22 -22.84 -12.95
N ARG B 49 17.08 -22.80 -13.59
CA ARG B 49 17.01 -23.17 -14.99
C ARG B 49 16.08 -22.27 -15.77
N ILE B 50 16.58 -21.74 -16.87
CA ILE B 50 15.87 -20.69 -17.58
C ILE B 50 15.53 -21.03 -19.02
N SER B 51 14.26 -20.95 -19.39
CA SER B 51 13.87 -21.17 -20.78
C SER B 51 14.32 -19.99 -21.63
N GLY B 52 14.40 -20.22 -22.93
CA GLY B 52 14.93 -19.23 -23.86
C GLY B 52 14.00 -18.04 -24.07
N LEU B 53 12.77 -18.17 -23.63
CA LEU B 53 11.80 -17.12 -23.85
C LEU B 53 11.75 -16.14 -22.69
N ILE B 54 12.44 -16.48 -21.60
CA ILE B 54 12.48 -15.64 -20.42
C ILE B 54 13.16 -14.33 -20.69
N TYR B 55 14.23 -14.37 -21.46
CA TYR B 55 15.05 -13.20 -21.64
C TYR B 55 14.24 -12.04 -22.21
N GLU B 56 13.39 -12.33 -23.18
CA GLU B 56 12.58 -11.28 -23.78
C GLU B 56 11.50 -10.80 -22.83
N GLU B 57 10.90 -11.74 -22.11
CA GLU B 57 9.82 -11.41 -21.20
C GLU B 57 10.35 -10.58 -20.05
N THR B 58 11.54 -10.92 -19.58
CA THR B 58 12.14 -10.26 -18.44
C THR B 58 12.37 -8.80 -18.73
N ARG B 59 12.90 -8.52 -19.92
CA ARG B 59 13.19 -7.15 -20.28
C ARG B 59 11.94 -6.30 -20.30
N GLY B 60 10.85 -6.86 -20.82
CA GLY B 60 9.60 -6.13 -20.85
C GLY B 60 9.19 -5.71 -19.45
N VAL B 61 9.23 -6.67 -18.53
CA VAL B 61 8.82 -6.40 -17.17
C VAL B 61 9.75 -5.41 -16.48
N LEU B 62 11.05 -5.57 -16.66
CA LEU B 62 11.99 -4.63 -16.08
C LEU B 62 11.69 -3.24 -16.53
N LYS B 63 11.51 -3.08 -17.82
CA LYS B 63 11.29 -1.78 -18.37
C LYS B 63 10.10 -1.09 -17.76
N VAL B 64 8.98 -1.79 -17.66
CA VAL B 64 7.80 -1.13 -17.15
C VAL B 64 8.07 -0.62 -15.74
N PHE B 65 8.70 -1.45 -14.93
CA PHE B 65 9.02 -1.03 -13.58
C PHE B 65 9.89 0.21 -13.60
N LEU B 66 10.97 0.16 -14.37
CA LEU B 66 11.91 1.26 -14.42
C LEU B 66 11.26 2.53 -14.95
N GLU B 67 10.49 2.39 -16.01
CA GLU B 67 9.87 3.55 -16.61
C GLU B 67 8.92 4.25 -15.67
N ASN B 68 8.12 3.49 -14.95
CA ASN B 68 7.17 4.10 -14.05
C ASN B 68 7.89 4.88 -12.97
N VAL B 69 9.00 4.34 -12.49
CA VAL B 69 9.76 5.02 -11.46
C VAL B 69 10.37 6.30 -12.00
N ILE B 70 10.93 6.23 -13.20
CA ILE B 70 11.53 7.41 -13.79
C ILE B 70 10.50 8.49 -13.94
N ARG B 71 9.34 8.13 -14.44
CA ARG B 71 8.31 9.11 -14.69
C ARG B 71 7.90 9.86 -13.44
N ASP B 72 7.76 9.15 -12.34
CA ASP B 72 7.39 9.83 -11.11
C ASP B 72 8.53 10.74 -10.67
N ALA B 73 9.76 10.27 -10.81
CA ALA B 73 10.92 11.06 -10.40
C ALA B 73 11.06 12.31 -11.24
N VAL B 74 10.81 12.20 -12.53
CA VAL B 74 10.91 13.35 -13.39
C VAL B 74 9.82 14.34 -13.07
N THR B 75 8.63 13.84 -12.81
CA THR B 75 7.52 14.71 -12.46
C THR B 75 7.87 15.55 -11.25
N TYR B 76 8.49 14.91 -10.25
CA TYR B 76 8.92 15.65 -9.06
C TYR B 76 9.98 16.68 -9.44
N THR B 77 10.88 16.29 -10.34
CA THR B 77 11.95 17.18 -10.79
C THR B 77 11.38 18.41 -11.46
N GLU B 78 10.37 18.21 -12.30
CA GLU B 78 9.74 19.32 -13.00
C GLU B 78 9.04 20.25 -12.02
N HIS B 79 8.38 19.68 -11.02
CA HIS B 79 7.68 20.49 -10.04
C HIS B 79 8.64 21.44 -9.35
N ALA B 80 9.81 20.91 -9.04
CA ALA B 80 10.86 21.66 -8.37
C ALA B 80 11.57 22.61 -9.33
N LYS B 81 11.18 22.55 -10.60
CA LYS B 81 11.74 23.40 -11.63
C LYS B 81 13.22 23.19 -11.84
N ARG B 82 13.62 21.95 -11.96
CA ARG B 82 15.01 21.63 -12.13
C ARG B 82 15.24 20.69 -13.28
N LYS B 83 16.50 20.46 -13.59
CA LYS B 83 16.85 19.64 -14.73
C LYS B 83 17.52 18.35 -14.33
N THR B 84 18.29 18.40 -13.25
CA THR B 84 18.99 17.22 -12.82
C THR B 84 18.16 16.49 -11.79
N VAL B 85 17.93 15.21 -12.01
CA VAL B 85 17.17 14.38 -11.09
C VAL B 85 18.08 13.96 -9.95
N THR B 86 17.62 14.15 -8.72
CA THR B 86 18.46 13.73 -7.60
C THR B 86 17.98 12.42 -7.01
N ALA B 87 18.77 11.87 -6.10
CA ALA B 87 18.41 10.61 -5.51
C ALA B 87 17.09 10.69 -4.80
N MET B 88 16.79 11.84 -4.22
CA MET B 88 15.56 11.98 -3.46
C MET B 88 14.34 11.93 -4.36
N ASP B 89 14.50 12.30 -5.62
CA ASP B 89 13.36 12.29 -6.53
C ASP B 89 13.07 10.84 -6.88
N VAL B 90 14.13 10.06 -6.97
CA VAL B 90 13.99 8.65 -7.21
C VAL B 90 13.40 7.97 -5.98
N VAL B 91 13.86 8.36 -4.80
CA VAL B 91 13.36 7.76 -3.58
C VAL B 91 11.87 8.00 -3.43
N TYR B 92 11.42 9.21 -3.68
CA TYR B 92 9.99 9.49 -3.55
C TYR B 92 9.21 8.74 -4.61
N ALA B 93 9.78 8.67 -5.81
CA ALA B 93 9.13 7.97 -6.90
C ALA B 93 8.93 6.51 -6.56
N LEU B 94 9.93 5.90 -5.96
CA LEU B 94 9.83 4.50 -5.58
C LEU B 94 8.89 4.32 -4.42
N LYS B 95 9.04 5.17 -3.43
CA LYS B 95 8.36 5.00 -2.17
C LYS B 95 6.89 4.76 -2.27
N ARG B 96 6.23 5.60 -3.04
CA ARG B 96 4.78 5.61 -3.09
C ARG B 96 4.20 4.36 -3.69
N GLN B 97 5.05 3.53 -4.27
CA GLN B 97 4.60 2.30 -4.86
C GLN B 97 4.77 1.15 -3.88
N GLY B 98 5.02 1.49 -2.62
CA GLY B 98 5.20 0.49 -1.58
C GLY B 98 6.63 0.00 -1.60
N ARG B 99 7.54 0.92 -1.86
CA ARG B 99 8.93 0.57 -2.03
C ARG B 99 9.86 1.47 -1.28
N THR B 100 9.73 1.51 0.03
CA THR B 100 10.61 2.37 0.78
C THR B 100 12.04 1.92 0.55
N LEU B 101 12.92 2.86 0.20
CA LEU B 101 14.31 2.55 -0.07
C LEU B 101 15.22 3.18 0.97
N TYR B 102 16.08 2.38 1.58
CA TYR B 102 17.01 2.90 2.57
C TYR B 102 18.43 2.96 2.03
N GLY B 103 19.18 3.95 2.49
CA GLY B 103 20.61 4.06 2.19
C GLY B 103 20.94 5.20 1.24
N PHE B 104 19.94 5.71 0.54
CA PHE B 104 20.16 6.83 -0.38
C PHE B 104 19.58 8.11 0.17
N GLY B 105 19.18 8.07 1.43
CA GLY B 105 18.51 9.20 2.06
C GLY B 105 17.02 8.90 2.13
N GLY B 106 16.39 9.39 3.18
CA GLY B 106 14.97 9.14 3.40
C GLY B 106 14.58 9.52 4.81
N ARG C 15 -22.27 48.24 -1.64
CA ARG C 15 -22.27 46.88 -1.13
C ARG C 15 -22.67 45.87 -2.19
N ALA C 16 -21.70 45.10 -2.65
CA ALA C 16 -21.95 44.07 -3.65
C ALA C 16 -22.74 42.93 -3.04
N LYS C 17 -23.49 42.24 -3.89
CA LYS C 17 -24.21 41.04 -3.48
C LYS C 17 -23.25 39.88 -3.28
N ALA C 18 -23.44 39.14 -2.21
CA ALA C 18 -22.62 37.96 -1.97
C ALA C 18 -22.84 36.95 -3.09
N LYS C 19 -21.77 36.30 -3.51
CA LYS C 19 -21.87 35.37 -4.61
C LYS C 19 -20.96 34.15 -4.50
N THR C 20 -21.54 32.99 -4.76
CA THR C 20 -20.84 31.72 -4.69
C THR C 20 -19.71 31.63 -5.72
N ARG C 21 -18.53 31.26 -5.26
CA ARG C 21 -17.38 31.12 -6.13
C ARG C 21 -17.58 30.05 -7.20
N SER C 22 -18.33 29.02 -6.84
CA SER C 22 -18.59 27.93 -7.76
C SER C 22 -19.24 28.48 -9.03
N SER C 23 -20.04 29.52 -8.90
CA SER C 23 -20.69 30.09 -10.06
C SER C 23 -19.65 30.71 -10.98
N ARG C 24 -18.65 31.35 -10.39
CA ARG C 24 -17.63 32.01 -11.19
C ARG C 24 -16.84 31.03 -12.01
N ALA C 25 -16.50 29.92 -11.38
CA ALA C 25 -15.66 28.93 -12.02
C ALA C 25 -16.47 28.04 -12.94
N GLY C 26 -17.79 28.19 -12.93
CA GLY C 26 -18.67 27.35 -13.73
C GLY C 26 -18.75 25.93 -13.19
N LEU C 27 -18.56 25.79 -11.88
CA LEU C 27 -18.55 24.47 -11.27
C LEU C 27 -19.84 24.17 -10.53
N GLN C 28 -20.10 22.89 -10.32
CA GLN C 28 -21.24 22.49 -9.52
C GLN C 28 -20.81 22.18 -8.10
N PHE C 29 -19.59 21.71 -7.95
CA PHE C 29 -19.03 21.44 -6.63
C PHE C 29 -18.69 22.76 -5.94
N PRO C 30 -18.81 22.81 -4.61
CA PRO C 30 -18.54 23.95 -3.78
C PRO C 30 -17.06 24.26 -3.79
N VAL C 31 -16.73 25.54 -3.74
CA VAL C 31 -15.34 25.92 -3.71
C VAL C 31 -14.94 26.36 -2.31
N GLY C 32 -15.76 27.18 -1.68
CA GLY C 32 -15.41 27.72 -0.38
C GLY C 32 -15.20 26.61 0.64
N ARG C 33 -16.00 25.56 0.54
CA ARG C 33 -15.86 24.45 1.45
C ARG C 33 -14.55 23.72 1.25
N VAL C 34 -14.20 23.52 0.00
CA VAL C 34 -12.98 22.82 -0.32
C VAL C 34 -11.82 23.62 0.21
N HIS C 35 -11.91 24.93 0.10
CA HIS C 35 -10.88 25.80 0.61
C HIS C 35 -10.70 25.52 2.09
N ARG C 36 -11.80 25.42 2.81
CA ARG C 36 -11.73 25.12 4.23
C ARG C 36 -11.11 23.75 4.49
N LEU C 37 -11.54 22.77 3.74
CA LEU C 37 -11.04 21.43 3.98
C LEU C 37 -9.56 21.40 3.73
N LEU C 38 -9.10 22.14 2.73
CA LEU C 38 -7.69 22.23 2.45
C LEU C 38 -6.95 22.94 3.58
N ARG C 39 -7.59 23.93 4.18
CA ARG C 39 -6.98 24.63 5.30
C ARG C 39 -6.73 23.69 6.45
N LYS C 40 -7.67 22.78 6.68
CA LYS C 40 -7.55 21.86 7.83
C LYS C 40 -6.98 20.53 7.35
N GLY C 41 -7.30 19.42 8.04
CA GLY C 41 -6.81 18.09 7.73
C GLY C 41 -5.30 18.14 7.91
N ASN C 42 -4.84 19.30 8.36
CA ASN C 42 -3.44 19.61 8.55
C ASN C 42 -2.62 19.34 7.29
N TYR C 43 -3.13 19.75 6.14
CA TYR C 43 -2.37 19.55 4.92
C TYR C 43 -1.28 20.60 4.77
N SER C 44 -1.55 21.80 5.21
CA SER C 44 -0.61 22.89 5.05
C SER C 44 -0.94 24.03 6.00
N GLU C 45 -0.02 24.95 6.16
CA GLU C 45 -0.31 26.17 6.87
C GLU C 45 -1.25 27.05 6.08
N ARG C 46 -1.07 27.08 4.77
CA ARG C 46 -1.83 28.00 3.94
C ARG C 46 -2.35 27.37 2.66
N VAL C 47 -3.43 27.94 2.15
CA VAL C 47 -4.02 27.51 0.90
C VAL C 47 -4.20 28.67 -0.07
N GLY C 48 -3.73 28.51 -1.29
CA GLY C 48 -3.80 29.54 -2.31
C GLY C 48 -5.21 29.73 -2.84
N ALA C 49 -5.48 30.93 -3.38
CA ALA C 49 -6.81 31.28 -3.85
C ALA C 49 -7.31 30.37 -4.97
N GLY C 50 -6.40 29.95 -5.84
CA GLY C 50 -6.80 29.12 -6.96
C GLY C 50 -6.70 27.64 -6.62
N ALA C 51 -6.27 27.33 -5.41
CA ALA C 51 -6.09 25.95 -5.02
C ALA C 51 -7.40 25.17 -4.99
N PRO C 52 -8.43 25.58 -4.23
CA PRO C 52 -9.67 24.86 -4.10
C PRO C 52 -10.44 24.91 -5.40
N VAL C 53 -10.15 25.90 -6.22
CA VAL C 53 -10.83 26.03 -7.49
C VAL C 53 -10.36 24.94 -8.43
N TYR C 54 -9.05 24.77 -8.49
CA TYR C 54 -8.48 23.74 -9.35
C TYR C 54 -8.98 22.39 -8.91
N LEU C 55 -8.94 22.15 -7.60
CA LEU C 55 -9.31 20.86 -7.07
C LEU C 55 -10.78 20.57 -7.27
N ALA C 56 -11.63 21.56 -7.05
CA ALA C 56 -13.06 21.32 -7.19
C ALA C 56 -13.34 20.86 -8.61
N ALA C 57 -12.67 21.46 -9.58
CA ALA C 57 -12.86 21.08 -10.96
C ALA C 57 -12.47 19.63 -11.21
N VAL C 58 -11.41 19.17 -10.56
CA VAL C 58 -10.94 17.81 -10.76
C VAL C 58 -11.91 16.80 -10.19
N LEU C 59 -12.37 17.06 -8.98
CA LEU C 59 -13.27 16.12 -8.33
C LEU C 59 -14.56 16.02 -9.13
N GLU C 60 -15.01 17.15 -9.64
CA GLU C 60 -16.21 17.20 -10.44
C GLU C 60 -16.05 16.42 -11.73
N TYR C 61 -14.91 16.59 -12.38
CA TYR C 61 -14.64 15.87 -13.61
C TYR C 61 -14.71 14.37 -13.41
N LEU C 62 -14.01 13.88 -12.39
CA LEU C 62 -13.97 12.45 -12.16
C LEU C 62 -15.35 11.93 -11.79
N THR C 63 -16.09 12.73 -11.05
CA THR C 63 -17.44 12.36 -10.66
C THR C 63 -18.30 12.16 -11.89
N ALA C 64 -18.17 13.06 -12.86
CA ALA C 64 -18.93 12.96 -14.08
C ALA C 64 -18.61 11.69 -14.85
N GLU C 65 -17.34 11.31 -14.88
CA GLU C 65 -16.96 10.15 -15.65
C GLU C 65 -17.59 8.89 -15.12
N ILE C 66 -17.62 8.76 -13.81
CA ILE C 66 -18.21 7.56 -13.23
C ILE C 66 -19.70 7.54 -13.48
N LEU C 67 -20.36 8.66 -13.24
CA LEU C 67 -21.79 8.72 -13.38
C LEU C 67 -22.24 8.51 -14.81
N GLU C 68 -21.48 9.02 -15.76
CA GLU C 68 -21.86 8.86 -17.15
C GLU C 68 -21.84 7.40 -17.54
N LEU C 69 -20.77 6.72 -17.17
CA LEU C 69 -20.65 5.31 -17.51
C LEU C 69 -21.68 4.51 -16.74
N ALA C 70 -21.94 4.90 -15.50
CA ALA C 70 -22.92 4.22 -14.68
C ALA C 70 -24.30 4.37 -15.25
N GLY C 71 -24.62 5.55 -15.78
CA GLY C 71 -25.91 5.77 -16.40
C GLY C 71 -26.07 4.89 -17.61
N ASN C 72 -24.99 4.72 -18.37
CA ASN C 72 -25.03 3.84 -19.52
C ASN C 72 -25.23 2.40 -19.08
N ALA C 73 -24.56 2.03 -18.00
CA ALA C 73 -24.70 0.67 -17.47
C ALA C 73 -26.13 0.46 -16.98
N ALA C 74 -26.71 1.49 -16.38
CA ALA C 74 -28.06 1.38 -15.89
C ALA C 74 -29.02 1.20 -17.04
N ARG C 75 -28.77 1.92 -18.12
CA ARG C 75 -29.60 1.78 -19.29
C ARG C 75 -29.53 0.38 -19.84
N ASP C 76 -28.34 -0.20 -19.83
CA ASP C 76 -28.13 -1.53 -20.37
C ASP C 76 -28.94 -2.56 -19.60
N ASN C 77 -29.29 -2.25 -18.36
CA ASN C 77 -30.10 -3.12 -17.53
C ASN C 77 -31.54 -2.64 -17.50
N LYS C 78 -31.82 -1.68 -18.37
CA LYS C 78 -33.15 -1.13 -18.60
C LYS C 78 -33.77 -0.44 -17.39
N LYS C 79 -32.97 0.33 -16.67
CA LYS C 79 -33.46 1.10 -15.55
C LYS C 79 -33.34 2.58 -15.81
N THR C 80 -33.98 3.37 -14.95
CA THR C 80 -33.92 4.82 -15.05
C THR C 80 -33.13 5.37 -13.88
N ARG C 81 -32.43 4.48 -13.20
CA ARG C 81 -31.74 4.83 -11.98
C ARG C 81 -30.41 4.08 -11.80
N ILE C 82 -29.45 4.74 -11.15
CA ILE C 82 -28.18 4.11 -10.81
C ILE C 82 -28.18 3.45 -9.43
N ILE C 83 -27.67 2.23 -9.38
CA ILE C 83 -27.49 1.49 -8.13
C ILE C 83 -26.01 1.10 -8.04
N PRO C 84 -25.49 0.73 -6.85
CA PRO C 84 -24.09 0.42 -6.58
C PRO C 84 -23.50 -0.57 -7.57
N ARG C 85 -24.33 -1.48 -8.04
CA ARG C 85 -23.90 -2.46 -9.00
C ARG C 85 -23.54 -1.85 -10.33
N HIS C 86 -24.28 -0.83 -10.73
CA HIS C 86 -24.02 -0.21 -12.01
C HIS C 86 -22.72 0.55 -11.91
N LEU C 87 -22.46 1.09 -10.72
CA LEU C 87 -21.20 1.80 -10.53
C LEU C 87 -20.06 0.81 -10.66
N GLN C 88 -20.22 -0.37 -10.09
CA GLN C 88 -19.17 -1.39 -10.14
C GLN C 88 -18.80 -1.73 -11.57
N LEU C 89 -19.81 -2.02 -12.38
CA LEU C 89 -19.56 -2.47 -13.74
C LEU C 89 -19.00 -1.33 -14.57
N ALA C 90 -19.55 -0.14 -14.35
CA ALA C 90 -19.14 1.03 -15.11
C ALA C 90 -17.68 1.35 -14.89
N ILE C 91 -17.22 1.20 -13.66
CA ILE C 91 -15.85 1.47 -13.32
C ILE C 91 -14.91 0.49 -13.98
N ARG C 92 -15.23 -0.79 -13.89
CA ARG C 92 -14.35 -1.80 -14.42
C ARG C 92 -14.25 -1.75 -15.93
N ASN C 93 -15.32 -1.35 -16.58
CA ASN C 93 -15.35 -1.30 -18.02
C ASN C 93 -14.45 -0.19 -18.55
N ASP C 94 -13.95 0.66 -17.67
CA ASP C 94 -13.00 1.69 -18.04
C ASP C 94 -11.73 1.47 -17.23
N GLU C 95 -10.73 0.91 -17.89
CA GLU C 95 -9.51 0.46 -17.22
C GLU C 95 -8.78 1.58 -16.50
N GLU C 96 -9.07 2.83 -16.86
CA GLU C 96 -8.41 3.93 -16.22
C GLU C 96 -8.96 4.07 -14.81
N LEU C 97 -10.25 3.83 -14.66
CA LEU C 97 -10.89 3.96 -13.36
C LEU C 97 -10.70 2.68 -12.59
N ASN C 98 -10.62 1.57 -13.32
CA ASN C 98 -10.37 0.29 -12.69
C ASN C 98 -9.10 0.36 -11.88
N LYS C 99 -8.14 1.09 -12.41
CA LYS C 99 -6.88 1.27 -11.75
C LYS C 99 -6.96 2.22 -10.58
N LEU C 100 -7.56 3.37 -10.81
CA LEU C 100 -7.65 4.39 -9.78
C LEU C 100 -8.34 3.83 -8.56
N LEU C 101 -9.33 2.98 -8.81
CA LEU C 101 -10.13 2.36 -7.76
C LEU C 101 -9.87 0.86 -7.67
N GLY C 102 -8.64 0.45 -7.99
CA GLY C 102 -8.28 -0.96 -8.05
C GLY C 102 -8.21 -1.63 -6.68
N ARG C 103 -8.37 -0.84 -5.64
CA ARG C 103 -8.41 -1.35 -4.29
C ARG C 103 -9.66 -0.96 -3.54
N VAL C 104 -10.72 -0.66 -4.28
CA VAL C 104 -11.94 -0.27 -3.64
C VAL C 104 -13.00 -1.34 -3.70
N THR C 105 -13.54 -1.66 -2.54
CA THR C 105 -14.63 -2.59 -2.45
C THR C 105 -15.93 -1.83 -2.45
N ILE C 106 -16.80 -2.17 -3.37
CA ILE C 106 -18.08 -1.52 -3.48
C ILE C 106 -19.14 -2.33 -2.78
N ALA C 107 -19.81 -1.72 -1.82
CA ALA C 107 -20.87 -2.44 -1.15
C ALA C 107 -21.88 -2.85 -2.20
N GLN C 108 -22.19 -4.13 -2.24
CA GLN C 108 -23.13 -4.68 -3.22
C GLN C 108 -22.71 -4.39 -4.65
N GLY C 109 -21.42 -4.42 -4.92
CA GLY C 109 -20.95 -4.23 -6.29
C GLY C 109 -21.09 -5.51 -7.12
N GLY C 110 -20.92 -6.66 -6.48
CA GLY C 110 -20.86 -7.93 -7.19
C GLY C 110 -19.53 -8.01 -7.95
N VAL C 111 -19.43 -8.94 -8.89
CA VAL C 111 -18.20 -9.08 -9.66
C VAL C 111 -18.50 -9.14 -11.14
N LEU C 112 -17.46 -9.13 -11.96
CA LEU C 112 -17.66 -9.29 -13.39
C LEU C 112 -17.91 -10.77 -13.70
N PRO C 113 -18.75 -11.07 -14.68
CA PRO C 113 -19.12 -12.41 -15.11
C PRO C 113 -18.05 -13.08 -15.96
N ASN C 114 -16.88 -13.29 -15.35
CA ASN C 114 -15.76 -13.88 -16.07
C ASN C 114 -15.61 -15.37 -15.83
N ILE C 115 -15.70 -16.14 -16.90
CA ILE C 115 -15.49 -17.58 -16.82
C ILE C 115 -14.32 -17.96 -17.70
N GLN C 116 -13.38 -18.71 -17.15
CA GLN C 116 -12.19 -19.08 -17.90
C GLN C 116 -12.53 -20.06 -19.00
N ALA C 117 -11.95 -19.84 -20.18
CA ALA C 117 -12.26 -20.65 -21.35
C ALA C 117 -11.99 -22.13 -21.14
N VAL C 118 -10.96 -22.44 -20.36
CA VAL C 118 -10.57 -23.83 -20.15
C VAL C 118 -11.59 -24.62 -19.35
N LEU C 119 -12.53 -23.91 -18.73
CA LEU C 119 -13.55 -24.54 -17.90
C LEU C 119 -14.82 -24.83 -18.68
N LEU C 120 -14.88 -24.31 -19.90
CA LEU C 120 -16.10 -24.44 -20.69
C LEU C 120 -16.16 -25.82 -21.31
N PRO C 121 -17.36 -26.36 -21.50
CA PRO C 121 -17.62 -27.66 -22.08
C PRO C 121 -17.34 -27.64 -23.56
N LYS C 122 -16.91 -28.77 -24.10
CA LYS C 122 -16.68 -28.91 -25.52
C LYS C 122 -16.26 -30.33 -25.89
N ARG D 35 -30.19 20.46 16.91
CA ARG D 35 -29.54 19.22 16.40
C ARG D 35 -28.30 19.59 15.58
N SER D 36 -27.32 18.68 15.46
CA SER D 36 -26.08 18.93 14.74
C SER D 36 -26.32 18.90 13.24
N ARG D 37 -25.37 19.38 12.47
CA ARG D 37 -25.51 19.40 11.01
C ARG D 37 -24.37 18.67 10.34
N LYS D 38 -24.63 18.14 9.16
CA LYS D 38 -23.65 17.36 8.43
C LYS D 38 -23.33 17.95 7.08
N GLU D 39 -22.23 17.52 6.51
CA GLU D 39 -21.89 17.90 5.15
C GLU D 39 -21.65 16.67 4.30
N SER D 40 -22.10 16.75 3.06
CA SER D 40 -21.89 15.68 2.11
C SER D 40 -21.91 16.27 0.71
N TYR D 41 -21.72 15.42 -0.29
CA TYR D 41 -21.71 15.89 -1.66
C TYR D 41 -22.92 15.41 -2.43
N SER D 42 -23.93 14.93 -1.72
CA SER D 42 -25.06 14.31 -2.39
C SER D 42 -25.77 15.26 -3.33
N ILE D 43 -25.77 16.54 -2.99
CA ILE D 43 -26.41 17.52 -3.85
C ILE D 43 -25.68 17.67 -5.17
N TYR D 44 -24.37 17.72 -5.10
CA TYR D 44 -23.57 18.02 -6.27
C TYR D 44 -23.48 16.79 -7.15
N VAL D 45 -23.45 15.62 -6.54
CA VAL D 45 -23.39 14.39 -7.29
C VAL D 45 -24.66 14.25 -8.10
N TYR D 46 -25.78 14.56 -7.48
CA TYR D 46 -27.06 14.49 -8.16
C TYR D 46 -27.04 15.37 -9.41
N LYS D 47 -26.56 16.59 -9.25
CA LYS D 47 -26.52 17.52 -10.37
C LYS D 47 -25.67 17.01 -11.52
N VAL D 48 -24.51 16.48 -11.19
CA VAL D 48 -23.62 16.04 -12.24
C VAL D 48 -24.27 14.93 -13.02
N LEU D 49 -24.95 14.02 -12.32
CA LEU D 49 -25.63 12.94 -13.00
C LEU D 49 -26.55 13.46 -14.08
N LYS D 50 -27.18 14.59 -13.82
CA LYS D 50 -28.09 15.17 -14.79
C LYS D 50 -27.38 15.65 -16.03
N GLN D 51 -26.15 16.11 -15.88
CA GLN D 51 -25.44 16.66 -17.01
C GLN D 51 -25.10 15.58 -17.99
N VAL D 52 -24.86 14.39 -17.47
CA VAL D 52 -24.53 13.26 -18.32
C VAL D 52 -25.78 12.48 -18.74
N HIS D 53 -26.72 12.33 -17.82
CA HIS D 53 -27.97 11.60 -18.05
C HIS D 53 -29.16 12.28 -17.39
N PRO D 54 -29.75 13.28 -18.04
CA PRO D 54 -30.80 14.15 -17.56
C PRO D 54 -32.04 13.42 -17.07
N ASP D 55 -32.25 12.20 -17.55
CA ASP D 55 -33.43 11.43 -17.20
C ASP D 55 -33.13 10.29 -16.22
N THR D 56 -31.95 10.29 -15.62
CA THR D 56 -31.56 9.21 -14.73
C THR D 56 -31.49 9.66 -13.29
N GLY D 57 -32.07 8.86 -12.41
CA GLY D 57 -32.02 9.11 -10.98
C GLY D 57 -30.94 8.28 -10.31
N ILE D 58 -30.90 8.31 -8.99
CA ILE D 58 -29.87 7.57 -8.28
C ILE D 58 -30.35 7.08 -6.92
N SER D 59 -29.97 5.86 -6.57
CA SER D 59 -30.34 5.28 -5.28
C SER D 59 -29.55 5.91 -4.15
N SER D 60 -30.03 5.74 -2.92
CA SER D 60 -29.33 6.31 -1.77
C SER D 60 -28.03 5.58 -1.53
N LYS D 61 -27.97 4.34 -1.99
CA LYS D 61 -26.79 3.54 -1.80
C LYS D 61 -25.73 3.94 -2.78
N ALA D 62 -26.13 4.18 -4.01
CA ALA D 62 -25.18 4.63 -5.01
C ALA D 62 -24.63 5.96 -4.56
N MET D 63 -25.47 6.75 -3.91
CA MET D 63 -25.02 8.03 -3.42
C MET D 63 -24.01 7.84 -2.31
N GLY D 64 -24.26 6.84 -1.45
CA GLY D 64 -23.32 6.52 -0.39
C GLY D 64 -21.97 6.16 -0.97
N ILE D 65 -21.97 5.49 -2.11
CA ILE D 65 -20.74 5.12 -2.77
C ILE D 65 -20.07 6.36 -3.32
N MET D 66 -20.84 7.24 -3.94
CA MET D 66 -20.27 8.43 -4.53
C MET D 66 -19.67 9.36 -3.48
N ASN D 67 -20.24 9.39 -2.29
CA ASN D 67 -19.66 10.21 -1.24
C ASN D 67 -18.33 9.66 -0.77
N SER D 68 -18.23 8.34 -0.67
CA SER D 68 -16.96 7.75 -0.30
C SER D 68 -15.92 8.03 -1.37
N PHE D 69 -16.35 7.95 -2.63
CA PHE D 69 -15.45 8.21 -3.73
C PHE D 69 -14.86 9.61 -3.68
N VAL D 70 -15.71 10.61 -3.52
CA VAL D 70 -15.22 11.98 -3.52
C VAL D 70 -14.28 12.20 -2.36
N ASN D 71 -14.63 11.69 -1.19
CA ASN D 71 -13.79 11.88 -0.03
C ASN D 71 -12.43 11.22 -0.21
N ASP D 72 -12.43 10.05 -0.84
CA ASP D 72 -11.19 9.33 -1.04
C ASP D 72 -10.25 10.13 -1.94
N ILE D 73 -10.76 10.56 -3.08
CA ILE D 73 -9.90 11.27 -4.02
C ILE D 73 -9.42 12.57 -3.41
N PHE D 74 -10.30 13.28 -2.72
CA PHE D 74 -9.92 14.52 -2.09
C PHE D 74 -8.73 14.32 -1.18
N GLU D 75 -8.80 13.32 -0.32
CA GLU D 75 -7.74 13.12 0.64
C GLU D 75 -6.42 12.83 -0.03
N ARG D 76 -6.46 12.08 -1.11
CA ARG D 76 -5.21 11.71 -1.75
C ARG D 76 -4.52 12.91 -2.35
N ILE D 77 -5.28 13.76 -3.03
CA ILE D 77 -4.68 14.90 -3.68
C ILE D 77 -4.15 15.85 -2.65
N ALA D 78 -4.96 16.11 -1.63
CA ALA D 78 -4.53 17.02 -0.59
C ALA D 78 -3.29 16.48 0.12
N GLY D 79 -3.25 15.17 0.31
CA GLY D 79 -2.12 14.51 0.97
C GLY D 79 -0.85 14.66 0.15
N GLU D 80 -0.94 14.34 -1.14
CA GLU D 80 0.24 14.41 -1.98
C GLU D 80 0.68 15.86 -2.16
N ALA D 81 -0.29 16.76 -2.34
CA ALA D 81 0.02 18.17 -2.53
C ALA D 81 0.72 18.71 -1.30
N SER D 82 0.32 18.23 -0.13
CA SER D 82 0.94 18.62 1.11
C SER D 82 2.42 18.32 1.09
N ARG D 83 2.76 17.12 0.66
CA ARG D 83 4.16 16.73 0.61
C ARG D 83 4.96 17.46 -0.42
N LEU D 84 4.37 17.77 -1.56
CA LEU D 84 5.11 18.53 -2.54
C LEU D 84 5.55 19.84 -1.93
N ALA D 85 4.64 20.48 -1.19
CA ALA D 85 4.97 21.71 -0.49
C ALA D 85 6.01 21.46 0.59
N HIS D 86 5.90 20.33 1.25
CA HIS D 86 6.85 20.00 2.31
C HIS D 86 8.26 19.86 1.74
N TYR D 87 8.38 19.08 0.68
CA TYR D 87 9.67 18.78 0.09
C TYR D 87 10.28 20.00 -0.54
N ASN D 88 9.45 20.88 -1.08
CA ASN D 88 9.95 22.06 -1.75
C ASN D 88 9.94 23.26 -0.82
N LYS D 89 9.74 23.02 0.46
CA LYS D 89 9.82 24.05 1.47
C LYS D 89 8.92 25.22 1.21
N ARG D 90 7.65 24.93 1.16
CA ARG D 90 6.65 25.95 0.94
C ARG D 90 5.57 25.79 1.98
N SER D 91 4.90 26.88 2.31
CA SER D 91 3.82 26.83 3.28
C SER D 91 2.45 26.82 2.62
N THR D 92 2.41 27.23 1.36
CA THR D 92 1.13 27.40 0.69
C THR D 92 0.91 26.37 -0.39
N ILE D 93 -0.28 25.77 -0.39
CA ILE D 93 -0.69 24.90 -1.46
C ILE D 93 -1.34 25.72 -2.55
N THR D 94 -0.84 25.64 -3.76
CA THR D 94 -1.41 26.40 -4.85
C THR D 94 -1.94 25.44 -5.88
N SER D 95 -2.46 25.96 -6.96
CA SER D 95 -3.01 25.11 -8.01
C SER D 95 -1.94 24.21 -8.58
N ARG D 96 -0.68 24.57 -8.40
CA ARG D 96 0.42 23.80 -8.95
C ARG D 96 0.64 22.49 -8.23
N GLU D 97 0.63 22.55 -6.91
CA GLU D 97 0.86 21.36 -6.12
C GLU D 97 -0.27 20.40 -6.37
N ILE D 98 -1.46 20.96 -6.53
CA ILE D 98 -2.60 20.14 -6.84
C ILE D 98 -2.43 19.54 -8.22
N GLN D 99 -2.05 20.35 -9.19
CA GLN D 99 -1.84 19.84 -10.53
C GLN D 99 -0.85 18.71 -10.57
N THR D 100 0.28 18.89 -9.94
CA THR D 100 1.31 17.87 -9.91
C THR D 100 0.79 16.63 -9.21
N ALA D 101 0.11 16.84 -8.08
CA ALA D 101 -0.43 15.72 -7.33
C ALA D 101 -1.41 14.92 -8.16
N VAL D 102 -2.21 15.61 -8.95
CA VAL D 102 -3.19 14.96 -9.80
C VAL D 102 -2.52 14.01 -10.76
N ARG D 103 -1.43 14.45 -11.35
CA ARG D 103 -0.70 13.65 -12.31
C ARG D 103 -0.08 12.41 -11.69
N LEU D 104 0.36 12.55 -10.45
CA LEU D 104 0.99 11.43 -9.76
C LEU D 104 -0.05 10.41 -9.30
N LEU D 105 -1.28 10.86 -9.12
CA LEU D 105 -2.33 9.98 -8.66
C LEU D 105 -3.18 9.38 -9.77
N LEU D 106 -3.49 10.15 -10.79
CA LEU D 106 -4.38 9.67 -11.84
C LEU D 106 -3.61 9.00 -12.97
N PRO D 107 -4.24 8.08 -13.68
CA PRO D 107 -3.83 7.51 -14.94
C PRO D 107 -3.67 8.61 -15.97
N GLY D 108 -2.81 8.39 -16.95
CA GLY D 108 -2.47 9.44 -17.90
C GLY D 108 -3.67 10.06 -18.61
N GLU D 109 -4.64 9.24 -19.00
CA GLU D 109 -5.77 9.78 -19.75
C GLU D 109 -6.66 10.65 -18.89
N LEU D 110 -6.95 10.18 -17.69
CA LEU D 110 -7.80 10.94 -16.80
C LEU D 110 -7.05 12.17 -16.32
N ALA D 111 -5.74 12.03 -16.15
CA ALA D 111 -4.94 13.14 -15.69
C ALA D 111 -5.03 14.29 -16.65
N LYS D 112 -5.03 14.01 -17.94
CA LYS D 112 -5.07 15.07 -18.92
C LYS D 112 -6.36 15.84 -18.88
N HIS D 113 -7.47 15.13 -18.77
CA HIS D 113 -8.74 15.81 -18.79
C HIS D 113 -8.91 16.59 -17.50
N ALA D 114 -8.45 16.00 -16.40
CA ALA D 114 -8.54 16.65 -15.11
C ALA D 114 -7.71 17.92 -15.09
N VAL D 115 -6.53 17.88 -15.68
CA VAL D 115 -5.69 19.06 -15.72
C VAL D 115 -6.31 20.14 -16.57
N SER D 116 -6.88 19.78 -17.70
CA SER D 116 -7.49 20.78 -18.54
C SER D 116 -8.60 21.51 -17.80
N GLU D 117 -9.41 20.76 -17.06
CA GLU D 117 -10.53 21.36 -16.35
C GLU D 117 -10.07 22.25 -15.21
N GLY D 118 -9.05 21.79 -14.49
CA GLY D 118 -8.50 22.57 -13.40
C GLY D 118 -7.89 23.86 -13.93
N THR D 119 -7.13 23.73 -15.02
CA THR D 119 -6.45 24.87 -15.60
C THR D 119 -7.44 25.96 -15.90
N LYS D 120 -8.56 25.59 -16.50
CA LYS D 120 -9.58 26.55 -16.83
C LYS D 120 -10.22 27.15 -15.61
N ALA D 121 -10.57 26.30 -14.66
CA ALA D 121 -11.31 26.79 -13.52
C ALA D 121 -10.52 27.90 -12.84
N VAL D 122 -9.22 27.73 -12.76
CA VAL D 122 -8.38 28.74 -12.15
C VAL D 122 -8.23 29.95 -13.05
N THR D 123 -7.99 29.72 -14.33
CA THR D 123 -7.79 30.81 -15.27
C THR D 123 -9.00 31.71 -15.26
N LYS D 124 -10.16 31.10 -15.33
CA LYS D 124 -11.42 31.81 -15.34
C LYS D 124 -11.71 32.50 -14.03
N TYR D 125 -11.54 31.77 -12.95
CA TYR D 125 -11.81 32.33 -11.63
C TYR D 125 -11.05 33.63 -11.47
N THR D 126 -9.81 33.61 -11.91
CA THR D 126 -8.95 34.78 -11.82
C THR D 126 -9.54 35.94 -12.61
N SER D 127 -9.98 35.67 -13.84
CA SER D 127 -10.56 36.70 -14.68
C SER D 127 -11.90 37.18 -14.16
N ALA D 128 -12.64 36.26 -13.55
CA ALA D 128 -13.95 36.56 -13.00
C ALA D 128 -13.83 37.35 -11.71
N PRO E 42 -36.02 -41.35 -16.40
CA PRO E 42 -35.27 -40.45 -15.54
C PRO E 42 -34.58 -39.37 -16.36
N HIS E 43 -34.25 -38.26 -15.71
CA HIS E 43 -33.55 -37.18 -16.37
C HIS E 43 -32.65 -36.45 -15.40
N ARG E 44 -31.48 -36.05 -15.86
CA ARG E 44 -30.55 -35.30 -15.03
C ARG E 44 -29.49 -34.60 -15.84
N TYR E 45 -28.75 -33.71 -15.19
CA TYR E 45 -27.62 -33.06 -15.80
C TYR E 45 -26.33 -33.74 -15.37
N ARG E 46 -25.31 -33.66 -16.21
CA ARG E 46 -24.02 -34.25 -15.91
C ARG E 46 -23.18 -33.32 -15.06
N PRO E 47 -22.24 -33.85 -14.26
CA PRO E 47 -21.28 -33.07 -13.52
C PRO E 47 -20.49 -32.15 -14.43
N GLY E 48 -20.43 -30.90 -14.00
CA GLY E 48 -19.75 -29.83 -14.70
C GLY E 48 -20.75 -28.83 -15.29
N THR E 49 -21.94 -29.30 -15.64
CA THR E 49 -22.94 -28.43 -16.24
C THR E 49 -23.50 -27.46 -15.21
N VAL E 50 -23.84 -27.99 -14.06
CA VAL E 50 -24.45 -27.19 -13.01
C VAL E 50 -23.45 -26.23 -12.40
N ALA E 51 -22.22 -26.69 -12.23
CA ALA E 51 -21.22 -25.85 -11.60
C ALA E 51 -21.04 -24.57 -12.39
N LEU E 52 -21.09 -24.67 -13.72
CA LEU E 52 -20.91 -23.50 -14.54
C LEU E 52 -22.04 -22.50 -14.32
N ARG E 53 -23.24 -23.02 -14.17
CA ARG E 53 -24.38 -22.14 -13.95
C ARG E 53 -24.28 -21.39 -12.66
N GLU E 54 -23.80 -22.06 -11.63
CA GLU E 54 -23.64 -21.40 -10.35
C GLU E 54 -22.61 -20.31 -10.46
N ILE E 55 -21.56 -20.54 -11.24
CA ILE E 55 -20.57 -19.50 -11.41
C ILE E 55 -21.23 -18.29 -12.04
N ARG E 56 -22.01 -18.53 -13.08
CA ARG E 56 -22.66 -17.42 -13.76
C ARG E 56 -23.52 -16.61 -12.84
N ARG E 57 -24.35 -17.30 -12.09
CA ARG E 57 -25.33 -16.64 -11.27
C ARG E 57 -24.72 -15.86 -10.14
N TYR E 58 -23.78 -16.47 -9.45
CA TYR E 58 -23.26 -15.82 -8.28
C TYR E 58 -22.36 -14.67 -8.68
N GLN E 59 -21.73 -14.76 -9.84
CA GLN E 59 -20.93 -13.63 -10.29
C GLN E 59 -21.83 -12.45 -10.55
N LYS E 60 -22.98 -12.73 -11.11
CA LYS E 60 -23.96 -11.72 -11.43
C LYS E 60 -24.55 -10.97 -10.25
N SER E 61 -24.95 -11.71 -9.22
CA SER E 61 -25.68 -11.11 -8.11
C SER E 61 -24.75 -10.34 -7.18
N THR E 62 -25.34 -9.58 -6.26
CA THR E 62 -24.55 -8.74 -5.37
C THR E 62 -24.67 -9.13 -3.91
N GLU E 63 -25.69 -9.90 -3.58
CA GLU E 63 -25.97 -10.17 -2.18
C GLU E 63 -24.92 -11.05 -1.55
N LEU E 64 -25.09 -11.29 -0.26
CA LEU E 64 -24.15 -12.11 0.49
C LEU E 64 -24.35 -13.56 0.18
N LEU E 65 -23.26 -14.30 0.14
CA LEU E 65 -23.31 -15.72 -0.13
C LEU E 65 -23.09 -16.51 1.15
N ILE E 66 -23.07 -15.78 2.26
CA ILE E 66 -22.84 -16.36 3.57
C ILE E 66 -24.04 -16.08 4.45
N ARG E 67 -24.18 -16.86 5.50
CA ARG E 67 -25.27 -16.65 6.43
C ARG E 67 -24.88 -15.65 7.48
N LYS E 68 -25.88 -15.01 8.05
CA LYS E 68 -25.63 -13.88 8.90
C LYS E 68 -25.47 -14.20 10.37
N LEU E 69 -26.45 -14.84 10.96
CA LEU E 69 -26.31 -15.05 12.39
C LEU E 69 -25.03 -15.80 12.75
N PRO E 70 -24.66 -16.88 12.03
CA PRO E 70 -23.41 -17.59 12.20
C PRO E 70 -22.20 -16.68 12.07
N PHE E 71 -22.29 -15.70 11.17
CA PHE E 71 -21.18 -14.79 10.96
C PHE E 71 -21.05 -13.83 12.11
N GLN E 72 -22.18 -13.28 12.54
CA GLN E 72 -22.13 -12.33 13.64
C GLN E 72 -21.46 -12.93 14.83
N ARG E 73 -21.78 -14.17 15.08
CA ARG E 73 -21.22 -14.83 16.22
C ARG E 73 -19.74 -15.07 16.06
N LEU E 74 -19.32 -15.40 14.84
CA LEU E 74 -17.91 -15.58 14.61
C LEU E 74 -17.17 -14.29 14.90
N VAL E 75 -17.75 -13.17 14.51
CA VAL E 75 -17.10 -11.90 14.77
C VAL E 75 -16.91 -11.71 16.26
N ARG E 76 -17.93 -12.01 17.03
CA ARG E 76 -17.86 -11.83 18.46
C ARG E 76 -16.94 -12.82 19.14
N GLU E 77 -16.98 -14.06 18.68
CA GLU E 77 -16.14 -15.08 19.28
C GLU E 77 -14.69 -14.65 19.18
N ILE E 78 -14.34 -14.04 18.06
CA ILE E 78 -13.01 -13.51 17.86
C ILE E 78 -12.82 -12.25 18.68
N ALA E 79 -13.77 -11.33 18.61
CA ALA E 79 -13.62 -10.04 19.24
C ALA E 79 -13.37 -10.13 20.73
N GLN E 80 -14.01 -11.09 21.40
CA GLN E 80 -13.91 -11.20 22.84
C GLN E 80 -12.50 -11.57 23.28
N ASP E 81 -11.69 -12.05 22.34
CA ASP E 81 -10.32 -12.45 22.65
C ASP E 81 -9.46 -11.24 22.92
N PHE E 82 -9.91 -10.09 22.46
CA PHE E 82 -9.18 -8.86 22.66
C PHE E 82 -9.82 -8.09 23.80
N LYS E 83 -11.13 -8.21 23.90
CA LYS E 83 -11.89 -7.51 24.92
C LYS E 83 -13.27 -8.07 25.15
N THR E 84 -13.64 -8.21 26.42
CA THR E 84 -14.97 -8.66 26.76
C THR E 84 -15.97 -7.52 26.73
N ASP E 85 -17.25 -7.89 26.72
CA ASP E 85 -18.35 -6.93 26.76
C ASP E 85 -18.31 -5.92 25.63
N LEU E 86 -17.94 -6.37 24.44
CA LEU E 86 -17.97 -5.53 23.26
C LEU E 86 -19.33 -5.54 22.62
N ARG E 87 -19.65 -4.46 21.93
CA ARG E 87 -20.91 -4.35 21.24
C ARG E 87 -20.70 -3.95 19.80
N PHE E 88 -21.65 -4.25 18.95
CA PHE E 88 -21.53 -3.88 17.55
C PHE E 88 -22.78 -3.22 17.00
N GLN E 89 -22.58 -2.23 16.15
CA GLN E 89 -23.67 -1.68 15.39
C GLN E 89 -24.00 -2.60 14.24
N SER E 90 -25.25 -2.59 13.82
CA SER E 90 -25.66 -3.48 12.74
C SER E 90 -24.89 -3.20 11.46
N SER E 91 -24.52 -1.95 11.27
CA SER E 91 -23.77 -1.57 10.10
C SER E 91 -22.32 -2.00 10.20
N ALA E 92 -21.82 -2.19 11.41
CA ALA E 92 -20.44 -2.60 11.59
C ALA E 92 -20.27 -4.04 11.13
N VAL E 93 -21.25 -4.86 11.45
CA VAL E 93 -21.16 -6.25 11.05
C VAL E 93 -21.26 -6.37 9.55
N MET E 94 -22.19 -5.63 8.96
CA MET E 94 -22.36 -5.70 7.53
C MET E 94 -21.08 -5.30 6.82
N ALA E 95 -20.41 -4.28 7.34
CA ALA E 95 -19.16 -3.86 6.74
C ALA E 95 -18.13 -4.98 6.79
N LEU E 96 -18.09 -5.71 7.90
CA LEU E 96 -17.15 -6.80 8.01
C LEU E 96 -17.46 -7.90 7.02
N GLN E 97 -18.74 -8.20 6.85
CA GLN E 97 -19.08 -9.29 5.95
C GLN E 97 -18.66 -8.99 4.54
N GLU E 98 -18.91 -7.78 4.09
CA GLU E 98 -18.59 -7.49 2.71
C GLU E 98 -17.11 -7.48 2.48
N ALA E 99 -16.35 -6.99 3.46
CA ALA E 99 -14.91 -7.02 3.35
C ALA E 99 -14.40 -8.45 3.29
N CYS E 100 -15.01 -9.32 4.08
CA CYS E 100 -14.59 -10.71 4.14
C CYS E 100 -14.90 -11.44 2.84
N GLU E 101 -16.08 -11.23 2.31
CA GLU E 101 -16.42 -11.91 1.07
C GLU E 101 -15.55 -11.42 -0.04
N ALA E 102 -15.36 -10.11 -0.11
CA ALA E 102 -14.55 -9.56 -1.18
C ALA E 102 -13.14 -10.14 -1.12
N TYR E 103 -12.63 -10.29 0.09
CA TYR E 103 -11.32 -10.86 0.28
C TYR E 103 -11.26 -12.29 -0.24
N LEU E 104 -12.20 -13.11 0.21
CA LEU E 104 -12.17 -14.51 -0.17
C LEU E 104 -12.43 -14.73 -1.65
N VAL E 105 -13.31 -13.93 -2.23
CA VAL E 105 -13.60 -14.10 -3.63
C VAL E 105 -12.36 -13.79 -4.46
N GLY E 106 -11.67 -12.71 -4.12
CA GLY E 106 -10.44 -12.37 -4.83
C GLY E 106 -9.41 -13.48 -4.66
N LEU E 107 -9.38 -14.07 -3.48
CA LEU E 107 -8.46 -15.16 -3.21
C LEU E 107 -8.78 -16.35 -4.09
N PHE E 108 -10.05 -16.64 -4.24
CA PHE E 108 -10.45 -17.78 -5.05
C PHE E 108 -10.12 -17.58 -6.51
N GLU E 109 -10.17 -16.35 -7.01
CA GLU E 109 -9.77 -16.13 -8.40
C GLU E 109 -8.32 -16.52 -8.60
N ASP E 110 -7.48 -16.14 -7.66
CA ASP E 110 -6.06 -16.42 -7.79
C ASP E 110 -5.81 -17.90 -7.60
N THR E 111 -6.59 -18.51 -6.71
CA THR E 111 -6.50 -19.93 -6.45
C THR E 111 -6.86 -20.69 -7.71
N ASN E 112 -7.90 -20.25 -8.38
CA ASN E 112 -8.37 -20.90 -9.59
C ASN E 112 -7.32 -20.83 -10.68
N LEU E 113 -6.65 -19.68 -10.80
CA LEU E 113 -5.63 -19.52 -11.81
C LEU E 113 -4.45 -20.44 -11.54
N CYS E 114 -4.11 -20.58 -10.27
CA CYS E 114 -3.01 -21.45 -9.90
C CYS E 114 -3.33 -22.89 -10.30
N ALA E 115 -4.56 -23.31 -10.07
CA ALA E 115 -4.97 -24.65 -10.44
C ALA E 115 -4.91 -24.85 -11.95
N ILE E 116 -5.33 -23.84 -12.70
CA ILE E 116 -5.29 -23.92 -14.14
C ILE E 116 -3.86 -24.06 -14.62
N HIS E 117 -2.96 -23.32 -13.98
CA HIS E 117 -1.55 -23.35 -14.32
C HIS E 117 -0.97 -24.75 -14.18
N ALA E 118 -1.59 -25.55 -13.32
CA ALA E 118 -1.16 -26.90 -13.06
C ALA E 118 -2.03 -27.87 -13.86
N LYS E 119 -2.75 -27.33 -14.83
CA LYS E 119 -3.63 -28.07 -15.71
C LYS E 119 -4.77 -28.74 -14.99
N ARG E 120 -5.33 -28.05 -14.02
CA ARG E 120 -6.42 -28.64 -13.27
C ARG E 120 -7.65 -27.78 -13.19
N VAL E 121 -8.75 -28.43 -12.86
CA VAL E 121 -10.01 -27.77 -12.64
C VAL E 121 -10.29 -27.71 -11.14
N THR E 122 -9.91 -28.77 -10.44
CA THR E 122 -10.13 -28.86 -9.00
C THR E 122 -9.12 -28.01 -8.24
N ILE E 123 -9.60 -27.20 -7.31
CA ILE E 123 -8.69 -26.42 -6.49
C ILE E 123 -8.27 -27.17 -5.23
N MET E 124 -6.99 -27.06 -4.89
CA MET E 124 -6.43 -27.68 -3.69
C MET E 124 -5.97 -26.60 -2.71
N PRO E 125 -5.87 -26.91 -1.41
CA PRO E 125 -5.40 -26.03 -0.36
C PRO E 125 -4.08 -25.35 -0.71
N LYS E 126 -3.25 -26.08 -1.43
CA LYS E 126 -1.95 -25.57 -1.81
C LYS E 126 -2.02 -24.51 -2.90
N ASP E 127 -3.13 -24.47 -3.63
CA ASP E 127 -3.26 -23.48 -4.67
C ASP E 127 -3.59 -22.19 -3.97
N ILE E 128 -4.34 -22.31 -2.88
CA ILE E 128 -4.64 -21.15 -2.06
C ILE E 128 -3.36 -20.62 -1.44
N GLN E 129 -2.57 -21.53 -0.89
CA GLN E 129 -1.35 -21.14 -0.21
C GLN E 129 -0.37 -20.46 -1.14
N LEU E 130 -0.26 -20.95 -2.36
CA LEU E 130 0.65 -20.32 -3.29
C LEU E 130 0.24 -18.89 -3.55
N ALA E 131 -1.04 -18.68 -3.83
CA ALA E 131 -1.49 -17.35 -4.17
C ALA E 131 -1.23 -16.38 -3.03
N ARG E 132 -1.49 -16.84 -1.81
CA ARG E 132 -1.32 -15.97 -0.67
C ARG E 132 0.11 -15.58 -0.47
N ARG E 133 0.97 -16.56 -0.60
CA ARG E 133 2.36 -16.32 -0.39
C ARG E 133 2.92 -15.36 -1.42
N ILE E 134 2.46 -15.47 -2.65
CA ILE E 134 2.90 -14.57 -3.71
C ILE E 134 2.55 -13.16 -3.34
N ARG E 135 1.42 -13.00 -2.69
CA ARG E 135 0.94 -11.70 -2.28
C ARG E 135 1.58 -11.19 -0.99
N GLY E 136 2.49 -11.95 -0.42
CA GLY E 136 3.23 -11.51 0.75
C GLY E 136 2.53 -11.81 2.07
N GLU E 137 1.58 -12.73 2.08
CA GLU E 137 0.91 -13.07 3.32
C GLU E 137 1.62 -14.22 4.03
N LEU F 26 -19.24 -16.45 22.26
CA LEU F 26 -19.60 -17.82 22.58
C LEU F 26 -18.54 -18.81 22.10
N ARG F 27 -18.89 -19.67 21.15
CA ARG F 27 -17.99 -20.72 20.73
C ARG F 27 -18.34 -21.34 19.38
N ASP F 28 -17.34 -21.99 18.76
CA ASP F 28 -17.55 -22.81 17.57
C ASP F 28 -18.34 -22.14 16.47
N ASN F 29 -18.04 -20.89 16.20
CA ASN F 29 -18.75 -20.21 15.13
C ASN F 29 -17.95 -20.21 13.86
N ILE F 30 -16.78 -20.82 13.90
CA ILE F 30 -15.98 -20.97 12.70
C ILE F 30 -16.62 -22.04 11.83
N GLN F 31 -17.26 -23.00 12.48
CA GLN F 31 -18.01 -24.04 11.79
C GLN F 31 -19.29 -23.44 11.26
N GLY F 32 -19.59 -22.24 11.72
CA GLY F 32 -20.76 -21.50 11.29
C GLY F 32 -20.63 -21.09 9.84
N ILE F 33 -19.42 -21.20 9.31
CA ILE F 33 -19.21 -20.97 7.90
C ILE F 33 -19.38 -22.31 7.22
N THR F 34 -20.56 -22.51 6.68
CA THR F 34 -20.99 -23.80 6.22
C THR F 34 -20.39 -24.08 4.87
N LYS F 35 -20.45 -25.33 4.46
CA LYS F 35 -19.85 -25.69 3.20
C LYS F 35 -20.44 -24.98 1.99
N PRO F 36 -21.76 -24.97 1.81
CA PRO F 36 -22.40 -24.32 0.69
C PRO F 36 -21.97 -22.88 0.58
N ALA F 37 -21.75 -22.22 1.71
CA ALA F 37 -21.33 -20.84 1.69
C ALA F 37 -19.95 -20.71 1.08
N ILE F 38 -19.07 -21.64 1.42
CA ILE F 38 -17.72 -21.61 0.90
C ILE F 38 -17.77 -21.83 -0.59
N ARG F 39 -18.60 -22.77 -1.02
CA ARG F 39 -18.71 -23.05 -2.43
C ARG F 39 -19.10 -21.83 -3.20
N ARG F 40 -20.12 -21.16 -2.71
CA ARG F 40 -20.67 -20.04 -3.42
C ARG F 40 -19.64 -18.92 -3.56
N LEU F 41 -18.85 -18.70 -2.52
CA LEU F 41 -17.82 -17.69 -2.60
C LEU F 41 -16.81 -18.07 -3.65
N ALA F 42 -16.45 -19.36 -3.68
CA ALA F 42 -15.49 -19.83 -4.65
C ALA F 42 -16.02 -19.68 -6.07
N ARG F 43 -17.31 -19.85 -6.24
CA ARG F 43 -17.93 -19.74 -7.55
C ARG F 43 -17.78 -18.37 -8.14
N ARG F 44 -17.93 -17.33 -7.34
CA ARG F 44 -17.72 -16.00 -7.90
C ARG F 44 -16.30 -15.86 -8.40
N GLY F 45 -15.39 -16.53 -7.73
CA GLY F 45 -13.98 -16.51 -8.11
C GLY F 45 -13.75 -17.25 -9.42
N GLY F 46 -14.78 -17.92 -9.92
CA GLY F 46 -14.69 -18.67 -11.16
C GLY F 46 -14.32 -20.10 -10.90
N VAL F 47 -14.34 -20.50 -9.63
CA VAL F 47 -14.01 -21.85 -9.27
C VAL F 47 -15.14 -22.79 -9.60
N LYS F 48 -14.82 -23.79 -10.38
CA LYS F 48 -15.79 -24.76 -10.83
C LYS F 48 -15.86 -25.95 -9.93
N ARG F 49 -14.71 -26.35 -9.44
CA ARG F 49 -14.59 -27.63 -8.78
C ARG F 49 -13.73 -27.54 -7.54
N ILE F 50 -14.23 -28.09 -6.44
CA ILE F 50 -13.59 -27.87 -5.16
C ILE F 50 -13.18 -29.17 -4.48
N SER F 51 -11.91 -29.29 -4.10
CA SER F 51 -11.49 -30.49 -3.37
C SER F 51 -12.02 -30.48 -1.95
N GLY F 52 -12.01 -31.64 -1.32
CA GLY F 52 -12.60 -31.79 0.00
C GLY F 52 -11.78 -31.17 1.13
N LEU F 53 -10.56 -30.74 0.82
CA LEU F 53 -9.70 -30.17 1.84
C LEU F 53 -9.76 -28.65 1.87
N ILE F 54 -10.44 -28.07 0.90
CA ILE F 54 -10.51 -26.62 0.80
C ILE F 54 -11.20 -25.99 1.98
N TYR F 55 -12.27 -26.62 2.43
CA TYR F 55 -13.12 -26.00 3.42
C TYR F 55 -12.36 -25.61 4.67
N GLU F 56 -11.52 -26.50 5.18
CA GLU F 56 -10.75 -26.19 6.37
C GLU F 56 -9.71 -25.12 6.12
N GLU F 57 -9.05 -25.18 4.97
CA GLU F 57 -8.02 -24.21 4.67
C GLU F 57 -8.64 -22.83 4.54
N THR F 58 -9.81 -22.79 3.91
CA THR F 58 -10.51 -21.53 3.69
C THR F 58 -10.85 -20.89 5.01
N ARG F 59 -11.35 -21.69 5.95
CA ARG F 59 -11.73 -21.16 7.24
C ARG F 59 -10.57 -20.55 7.96
N GLY F 60 -9.42 -21.21 7.91
CA GLY F 60 -8.24 -20.69 8.58
C GLY F 60 -7.89 -19.33 8.00
N VAL F 61 -7.99 -19.22 6.68
CA VAL F 61 -7.68 -17.97 6.02
C VAL F 61 -8.65 -16.87 6.42
N LEU F 62 -9.95 -17.20 6.43
CA LEU F 62 -10.95 -16.22 6.80
C LEU F 62 -10.71 -15.69 8.19
N LYS F 63 -10.42 -16.60 9.09
CA LYS F 63 -10.23 -16.21 10.46
C LYS F 63 -9.14 -15.19 10.61
N VAL F 64 -8.02 -15.40 9.95
CA VAL F 64 -6.92 -14.47 10.08
C VAL F 64 -7.34 -13.09 9.61
N PHE F 65 -8.07 -13.05 8.51
CA PHE F 65 -8.56 -11.79 8.00
C PHE F 65 -9.40 -11.09 9.05
N LEU F 66 -10.35 -11.80 9.63
CA LEU F 66 -11.21 -11.21 10.66
C LEU F 66 -10.43 -10.78 11.88
N GLU F 67 -9.48 -11.59 12.32
CA GLU F 67 -8.76 -11.24 13.52
C GLU F 67 -8.03 -9.93 13.33
N ASN F 68 -7.44 -9.76 12.16
CA ASN F 68 -6.67 -8.56 11.91
C ASN F 68 -7.58 -7.34 11.80
N VAL F 69 -8.73 -7.49 11.16
CA VAL F 69 -9.61 -6.34 11.01
C VAL F 69 -10.29 -6.00 12.32
N ILE F 70 -10.78 -6.99 13.03
CA ILE F 70 -11.48 -6.75 14.27
C ILE F 70 -10.53 -6.14 15.27
N ARG F 71 -9.35 -6.70 15.39
CA ARG F 71 -8.39 -6.20 16.35
C ARG F 71 -8.12 -4.72 16.14
N ASP F 72 -7.94 -4.31 14.90
CA ASP F 72 -7.69 -2.91 14.63
C ASP F 72 -8.92 -2.06 14.90
N ALA F 73 -10.11 -2.59 14.56
CA ALA F 73 -11.34 -1.86 14.82
C ALA F 73 -11.55 -1.65 16.30
N VAL F 74 -11.24 -2.66 17.09
CA VAL F 74 -11.38 -2.56 18.54
C VAL F 74 -10.42 -1.52 19.06
N THR F 75 -9.20 -1.53 18.55
CA THR F 75 -8.21 -0.55 18.97
C THR F 75 -8.72 0.87 18.79
N TYR F 76 -9.32 1.15 17.64
CA TYR F 76 -9.88 2.48 17.41
C TYR F 76 -10.99 2.77 18.41
N THR F 77 -11.84 1.78 18.65
CA THR F 77 -12.98 1.95 19.54
C THR F 77 -12.51 2.25 20.95
N GLU F 78 -11.49 1.53 21.40
CA GLU F 78 -10.96 1.75 22.74
C GLU F 78 -10.30 3.11 22.86
N HIS F 79 -9.61 3.53 21.83
CA HIS F 79 -8.96 4.84 21.85
C HIS F 79 -9.98 5.92 22.13
N ALA F 80 -11.14 5.78 21.51
CA ALA F 80 -12.24 6.72 21.65
C ALA F 80 -13.01 6.52 22.95
N LYS F 81 -12.58 5.53 23.74
CA LYS F 81 -13.18 5.21 25.02
C LYS F 81 -14.62 4.78 24.89
N ARG F 82 -14.89 3.94 23.93
CA ARG F 82 -16.22 3.44 23.70
C ARG F 82 -16.31 1.95 23.76
N LYS F 83 -17.54 1.45 23.73
CA LYS F 83 -17.78 0.03 23.83
C LYS F 83 -18.39 -0.53 22.57
N THR F 84 -19.18 0.30 21.90
CA THR F 84 -19.83 -0.17 20.69
C THR F 84 -18.95 0.14 19.49
N VAL F 85 -18.69 -0.87 18.69
CA VAL F 85 -17.91 -0.71 17.48
C VAL F 85 -18.81 -0.20 16.38
N THR F 86 -18.41 0.89 15.74
CA THR F 86 -19.22 1.45 14.68
C THR F 86 -18.67 1.16 13.31
N ALA F 87 -19.42 1.55 12.30
CA ALA F 87 -19.03 1.29 10.93
C ALA F 87 -17.71 1.97 10.63
N MET F 88 -17.52 3.15 11.19
CA MET F 88 -16.31 3.90 10.91
C MET F 88 -15.09 3.21 11.49
N ASP F 89 -15.28 2.50 12.60
CA ASP F 89 -14.16 1.83 13.23
C ASP F 89 -13.70 0.71 12.33
N VAL F 90 -14.67 0.04 11.71
CA VAL F 90 -14.38 -1.05 10.79
C VAL F 90 -13.76 -0.51 9.51
N VAL F 91 -14.32 0.58 9.00
CA VAL F 91 -13.81 1.14 7.77
C VAL F 91 -12.36 1.57 7.90
N TYR F 92 -12.03 2.22 9.01
CA TYR F 92 -10.65 2.64 9.22
C TYR F 92 -9.75 1.43 9.36
N ALA F 93 -10.21 0.42 10.07
CA ALA F 93 -9.42 -0.78 10.25
C ALA F 93 -9.12 -1.45 8.92
N LEU F 94 -10.11 -1.48 8.04
CA LEU F 94 -9.91 -2.11 6.73
C LEU F 94 -8.98 -1.30 5.85
N LYS F 95 -9.15 0.00 5.86
CA LYS F 95 -8.42 0.86 4.96
C LYS F 95 -6.94 0.64 4.98
N ARG F 96 -6.40 0.69 6.17
CA ARG F 96 -4.97 0.71 6.34
C ARG F 96 -4.33 -0.62 5.99
N GLN F 97 -5.13 -1.62 5.75
CA GLN F 97 -4.61 -2.91 5.35
C GLN F 97 -4.52 -2.97 3.83
N GLY F 98 -4.75 -1.83 3.19
CA GLY F 98 -4.64 -1.72 1.75
C GLY F 98 -5.96 -1.99 1.05
N ARG F 99 -7.05 -1.79 1.78
CA ARG F 99 -8.36 -2.06 1.23
C ARG F 99 -9.39 -1.03 1.66
N THR F 100 -9.90 -0.29 0.69
CA THR F 100 -10.83 0.77 1.01
C THR F 100 -12.26 0.35 0.71
N LEU F 101 -13.13 0.51 1.69
CA LEU F 101 -14.52 0.10 1.53
C LEU F 101 -15.44 1.30 1.36
N TYR F 102 -16.24 1.29 0.30
CA TYR F 102 -17.18 2.37 0.04
C TYR F 102 -18.61 1.97 0.41
N GLY F 103 -19.37 2.94 0.88
CA GLY F 103 -20.81 2.74 1.10
C GLY F 103 -21.20 2.66 2.57
N PHE F 104 -20.25 2.46 3.45
CA PHE F 104 -20.55 2.41 4.88
C PHE F 104 -20.11 3.66 5.59
N GLY F 105 -19.77 4.67 4.81
CA GLY F 105 -19.26 5.93 5.34
C GLY F 105 -17.75 5.93 5.23
N GLY F 106 -17.17 7.12 5.11
CA GLY F 106 -15.74 7.25 4.96
C GLY F 106 -15.36 7.57 3.53
N ARG G 15 19.53 31.35 39.04
CA ARG G 15 19.03 30.78 37.80
C ARG G 15 19.30 29.29 37.71
N ALA G 16 18.27 28.52 37.38
CA ALA G 16 18.44 27.08 37.19
C ALA G 16 19.28 26.79 35.96
N LYS G 17 20.06 25.73 36.04
CA LYS G 17 20.87 25.30 34.91
C LYS G 17 20.07 24.50 33.90
N ALA G 18 20.17 24.91 32.64
CA ALA G 18 19.46 24.25 31.55
C ALA G 18 20.04 22.88 31.24
N LYS G 19 19.17 21.98 30.80
CA LYS G 19 19.57 20.64 30.38
C LYS G 19 18.68 20.11 29.29
N THR G 20 19.07 19.00 28.70
CA THR G 20 18.24 18.38 27.68
C THR G 20 17.16 17.53 28.34
N ARG G 21 16.01 17.45 27.68
CA ARG G 21 14.95 16.59 28.18
C ARG G 21 15.26 15.12 27.99
N SER G 22 16.07 14.79 27.00
CA SER G 22 16.41 13.39 26.80
C SER G 22 17.13 12.87 28.03
N SER G 23 17.85 13.75 28.71
CA SER G 23 18.53 13.36 29.93
C SER G 23 17.50 13.03 30.99
N ARG G 24 16.52 13.90 31.12
CA ARG G 24 15.50 13.75 32.15
C ARG G 24 14.65 12.51 31.95
N ALA G 25 14.38 12.20 30.70
CA ALA G 25 13.55 11.06 30.38
C ALA G 25 14.34 9.75 30.40
N GLY G 26 15.65 9.85 30.58
CA GLY G 26 16.52 8.67 30.55
C GLY G 26 16.72 8.14 29.15
N LEU G 27 16.59 9.01 28.16
CA LEU G 27 16.69 8.61 26.77
C LEU G 27 17.97 9.08 26.12
N GLN G 28 18.32 8.45 25.01
CA GLN G 28 19.47 8.88 24.24
C GLN G 28 19.03 9.72 23.05
N PHE G 29 17.85 9.45 22.53
CA PHE G 29 17.33 10.22 21.41
C PHE G 29 16.85 11.58 21.90
N PRO G 30 17.03 12.64 21.11
CA PRO G 30 16.71 14.00 21.44
C PRO G 30 15.22 14.11 21.60
N VAL G 31 14.79 14.92 22.56
CA VAL G 31 13.38 15.11 22.79
C VAL G 31 12.89 16.44 22.22
N GLY G 32 13.63 17.50 22.49
CA GLY G 32 13.20 18.81 22.04
C GLY G 32 13.03 18.84 20.53
N ARG G 33 13.88 18.11 19.82
CA ARG G 33 13.80 18.05 18.38
C ARG G 33 12.56 17.32 17.93
N VAL G 34 12.24 16.23 18.61
CA VAL G 34 11.09 15.44 18.23
C VAL G 34 9.82 16.25 18.46
N HIS G 35 9.79 16.98 19.55
CA HIS G 35 8.66 17.85 19.84
C HIS G 35 8.43 18.75 18.66
N ARG G 36 9.51 19.31 18.16
CA ARG G 36 9.44 20.16 17.00
C ARG G 36 9.01 19.41 15.74
N LEU G 37 9.60 18.25 15.51
CA LEU G 37 9.30 17.52 14.29
C LEU G 37 7.85 17.07 14.25
N LEU G 38 7.31 16.70 15.41
CA LEU G 38 5.92 16.33 15.49
C LEU G 38 5.06 17.52 15.21
N ARG G 39 5.50 18.67 15.70
CA ARG G 39 4.76 19.90 15.52
C ARG G 39 4.69 20.31 14.07
N LYS G 40 5.77 20.13 13.36
CA LYS G 40 5.83 20.53 11.98
C LYS G 40 5.53 19.38 11.06
N GLY G 41 5.50 19.68 9.77
CA GLY G 41 5.07 18.68 8.80
C GLY G 41 3.57 18.62 8.87
N ASN G 42 3.01 19.54 9.64
CA ASN G 42 1.59 19.62 9.86
C ASN G 42 1.01 18.30 10.33
N TYR G 43 1.69 17.62 11.25
CA TYR G 43 1.08 16.40 11.76
C TYR G 43 -0.08 16.76 12.66
N SER G 44 0.00 17.89 13.31
CA SER G 44 -1.09 18.33 14.17
C SER G 44 -1.04 19.81 14.39
N GLU G 45 -2.13 20.34 14.90
CA GLU G 45 -2.15 21.71 15.31
C GLU G 45 -1.27 21.87 16.54
N ARG G 46 -1.37 20.91 17.45
CA ARG G 46 -0.71 21.00 18.75
C ARG G 46 -0.02 19.72 19.18
N VAL G 47 1.01 19.87 20.00
CA VAL G 47 1.73 18.73 20.56
C VAL G 47 1.79 18.78 22.06
N GLY G 48 1.33 17.72 22.71
CA GLY G 48 1.31 17.65 24.17
C GLY G 48 2.71 17.45 24.73
N ALA G 49 2.89 17.83 25.97
CA ALA G 49 4.20 17.80 26.61
C ALA G 49 4.82 16.42 26.65
N GLY G 50 4.00 15.41 26.86
CA GLY G 50 4.51 14.06 27.00
C GLY G 50 4.57 13.32 25.68
N ALA G 51 4.12 13.95 24.61
CA ALA G 51 4.08 13.25 23.33
C ALA G 51 5.47 12.92 22.79
N PRO G 52 6.39 13.91 22.67
CA PRO G 52 7.72 13.76 22.13
C PRO G 52 8.52 12.76 22.91
N VAL G 53 8.27 12.72 24.21
CA VAL G 53 9.00 11.86 25.11
C VAL G 53 8.61 10.42 24.87
N TYR G 54 7.32 10.19 24.75
CA TYR G 54 6.84 8.85 24.50
C TYR G 54 7.45 8.32 23.23
N LEU G 55 7.41 9.13 22.18
CA LEU G 55 7.88 8.69 20.88
C LEU G 55 9.38 8.48 20.83
N ALA G 56 10.14 9.37 21.45
CA ALA G 56 11.58 9.21 21.42
C ALA G 56 11.94 7.86 22.02
N ALA G 57 11.26 7.47 23.09
CA ALA G 57 11.51 6.19 23.71
C ALA G 57 11.21 5.04 22.77
N VAL G 58 10.14 5.17 21.99
CA VAL G 58 9.75 4.13 21.06
C VAL G 58 10.80 3.96 19.97
N LEU G 59 11.25 5.07 19.42
CA LEU G 59 12.23 5.01 18.37
C LEU G 59 13.52 4.42 18.92
N GLU G 60 13.85 4.77 20.15
CA GLU G 60 15.07 4.28 20.76
C GLU G 60 15.01 2.78 20.94
N TYR G 61 13.88 2.28 21.39
CA TYR G 61 13.72 0.85 21.56
C TYR G 61 13.93 0.11 20.26
N LEU G 62 13.26 0.54 19.21
CA LEU G 62 13.35 -0.15 17.94
C LEU G 62 14.76 -0.06 17.38
N THR G 63 15.40 1.08 17.58
CA THR G 63 16.76 1.28 17.10
C THR G 63 17.68 0.27 17.76
N ALA G 64 17.54 0.10 19.06
CA ALA G 64 18.39 -0.82 19.79
C ALA G 64 18.23 -2.24 19.30
N GLU G 65 17.00 -2.65 19.00
CA GLU G 65 16.78 -4.02 18.60
C GLU G 65 17.47 -4.36 17.30
N ILE G 66 17.43 -3.44 16.35
CA ILE G 66 18.07 -3.71 15.07
C ILE G 66 19.57 -3.79 15.23
N LEU G 67 20.13 -2.84 15.97
CA LEU G 67 21.57 -2.81 16.14
C LEU G 67 22.06 -4.03 16.90
N GLU G 68 21.28 -4.48 17.87
CA GLU G 68 21.70 -5.64 18.64
C GLU G 68 21.79 -6.86 17.76
N LEU G 69 20.78 -7.06 16.95
CA LEU G 69 20.76 -8.23 16.09
C LEU G 69 21.84 -8.14 15.04
N ALA G 70 22.04 -6.95 14.50
CA ALA G 70 23.03 -6.76 13.46
C ALA G 70 24.42 -7.02 14.01
N GLY G 71 24.66 -6.63 15.26
CA GLY G 71 25.95 -6.87 15.87
C GLY G 71 26.26 -8.36 15.92
N ASN G 72 25.23 -9.16 16.13
CA ASN G 72 25.43 -10.60 16.15
C ASN G 72 25.70 -11.08 14.74
N ALA G 73 25.01 -10.51 13.77
CA ALA G 73 25.23 -10.87 12.38
C ALA G 73 26.66 -10.53 11.98
N ALA G 74 27.17 -9.43 12.51
CA ALA G 74 28.53 -9.02 12.22
C ALA G 74 29.54 -10.02 12.75
N ARG G 75 29.29 -10.53 13.94
CA ARG G 75 30.19 -11.51 14.53
C ARG G 75 30.16 -12.85 13.83
N ASP G 76 29.03 -13.18 13.22
CA ASP G 76 28.97 -14.43 12.45
C ASP G 76 29.92 -14.36 11.27
N ASN G 77 30.34 -13.15 10.90
CA ASN G 77 31.28 -12.92 9.83
C ASN G 77 32.63 -12.52 10.41
N LYS G 78 32.75 -12.68 11.73
CA LYS G 78 33.94 -12.32 12.48
C LYS G 78 34.35 -10.88 12.30
N LYS G 79 33.38 -9.99 12.36
CA LYS G 79 33.67 -8.57 12.23
C LYS G 79 33.46 -7.83 13.53
N THR G 80 34.01 -6.63 13.61
CA THR G 80 33.82 -5.76 14.76
C THR G 80 33.05 -4.52 14.32
N ARG G 81 32.43 -4.64 13.16
CA ARG G 81 31.77 -3.53 12.55
C ARG G 81 30.50 -3.94 11.82
N ILE G 82 29.47 -3.09 11.90
CA ILE G 82 28.21 -3.32 11.23
C ILE G 82 28.16 -2.68 9.84
N ILE G 83 27.76 -3.47 8.86
CA ILE G 83 27.59 -2.98 7.49
C ILE G 83 26.15 -3.28 7.07
N PRO G 84 25.64 -2.68 5.97
CA PRO G 84 24.28 -2.81 5.46
C PRO G 84 23.80 -4.25 5.41
N ARG G 85 24.71 -5.16 5.10
CA ARG G 85 24.32 -6.54 5.03
C ARG G 85 23.89 -7.08 6.37
N HIS G 86 24.57 -6.67 7.41
CA HIS G 86 24.29 -7.20 8.72
C HIS G 86 22.93 -6.74 9.16
N LEU G 87 22.59 -5.52 8.75
CA LEU G 87 21.28 -4.99 9.05
C LEU G 87 20.21 -5.80 8.34
N GLN G 88 20.49 -6.18 7.10
CA GLN G 88 19.55 -6.99 6.34
C GLN G 88 19.24 -8.30 7.03
N LEU G 89 20.29 -8.98 7.47
CA LEU G 89 20.11 -10.28 8.08
C LEU G 89 19.34 -10.16 9.38
N ALA G 90 19.64 -9.13 10.15
CA ALA G 90 18.97 -8.92 11.41
C ALA G 90 17.47 -8.76 11.20
N ILE G 91 17.11 -7.96 10.20
CA ILE G 91 15.72 -7.66 9.93
C ILE G 91 14.97 -8.88 9.48
N ARG G 92 15.57 -9.63 8.57
CA ARG G 92 14.87 -10.77 8.01
C ARG G 92 14.77 -11.95 8.96
N ASN G 93 15.79 -12.15 9.78
CA ASN G 93 15.75 -13.27 10.70
C ASN G 93 14.73 -13.04 11.80
N ASP G 94 14.50 -11.77 12.13
CA ASP G 94 13.49 -11.39 13.11
C ASP G 94 12.12 -11.22 12.45
N GLU G 95 11.15 -12.05 12.84
CA GLU G 95 9.87 -12.07 12.16
C GLU G 95 9.14 -10.73 12.21
N GLU G 96 9.21 -10.05 13.34
CA GLU G 96 8.51 -8.78 13.47
C GLU G 96 9.14 -7.68 12.65
N LEU G 97 10.46 -7.61 12.63
CA LEU G 97 11.12 -6.58 11.84
C LEU G 97 10.88 -6.83 10.37
N ASN G 98 10.68 -8.10 10.01
CA ASN G 98 10.42 -8.46 8.62
C ASN G 98 9.01 -8.10 8.21
N LYS G 99 8.24 -7.54 9.14
CA LYS G 99 6.92 -7.03 8.82
C LYS G 99 6.98 -5.54 8.74
N LEU G 100 7.49 -4.94 9.80
CA LEU G 100 7.54 -3.51 9.91
C LEU G 100 8.30 -2.92 8.75
N LEU G 101 9.39 -3.59 8.40
CA LEU G 101 10.27 -3.20 7.33
C LEU G 101 10.18 -4.19 6.18
N GLY G 102 9.06 -4.89 6.10
CA GLY G 102 8.91 -5.99 5.16
C GLY G 102 9.16 -5.61 3.71
N ARG G 103 8.84 -4.38 3.34
CA ARG G 103 9.03 -3.96 1.96
C ARG G 103 10.18 -3.00 1.77
N VAL G 104 11.00 -2.85 2.78
CA VAL G 104 12.12 -1.94 2.64
C VAL G 104 13.22 -2.57 1.83
N THR G 105 13.68 -1.84 0.84
CA THR G 105 14.81 -2.28 0.06
C THR G 105 16.06 -1.69 0.66
N ILE G 106 17.04 -2.52 0.96
CA ILE G 106 18.26 -2.04 1.56
C ILE G 106 19.40 -2.13 0.60
N ALA G 107 20.08 -1.01 0.39
CA ALA G 107 21.19 -1.00 -0.52
C ALA G 107 22.19 -2.06 -0.11
N GLN G 108 22.61 -2.87 -1.07
CA GLN G 108 23.57 -3.95 -0.82
C GLN G 108 23.13 -4.86 0.31
N GLY G 109 21.84 -5.12 0.42
CA GLY G 109 21.35 -6.03 1.45
C GLY G 109 21.60 -7.49 1.09
N GLY G 110 21.52 -7.81 -0.20
CA GLY G 110 21.61 -9.20 -0.62
C GLY G 110 20.34 -9.93 -0.22
N VAL G 111 20.35 -11.26 -0.28
CA VAL G 111 19.18 -12.02 0.11
C VAL G 111 19.54 -13.17 1.03
N LEU G 112 18.54 -13.75 1.70
CA LEU G 112 18.78 -14.95 2.48
C LEU G 112 19.09 -16.10 1.53
N PRO G 113 19.90 -17.06 1.96
CA PRO G 113 20.32 -18.24 1.21
C PRO G 113 19.21 -19.28 1.17
N ASN G 114 18.13 -18.91 0.51
CA ASN G 114 16.95 -19.77 0.41
C ASN G 114 16.95 -20.59 -0.87
N ILE G 115 17.30 -21.86 -0.76
CA ILE G 115 17.29 -22.76 -1.90
C ILE G 115 16.19 -23.80 -1.74
N GLN G 116 15.29 -23.84 -2.70
CA GLN G 116 14.17 -24.76 -2.61
C GLN G 116 14.65 -26.20 -2.65
N ALA G 117 14.09 -27.02 -1.78
CA ALA G 117 14.52 -28.41 -1.66
C ALA G 117 14.42 -29.18 -2.95
N VAL G 118 13.42 -28.86 -3.76
CA VAL G 118 13.18 -29.62 -4.98
C VAL G 118 14.27 -29.41 -6.02
N LEU G 119 15.10 -28.38 -5.83
CA LEU G 119 16.16 -28.08 -6.78
C LEU G 119 17.45 -28.75 -6.39
N LEU G 120 17.48 -29.36 -5.21
CA LEU G 120 18.69 -29.96 -4.71
C LEU G 120 18.93 -31.27 -5.45
N PRO G 121 20.18 -31.66 -5.66
CA PRO G 121 20.60 -32.81 -6.41
C PRO G 121 20.28 -34.08 -5.66
N LYS G 122 20.02 -35.14 -6.41
CA LYS G 122 19.81 -36.46 -5.84
C LYS G 122 19.54 -37.48 -6.93
N ARG H 35 27.76 29.05 6.51
CA ARG H 35 27.49 27.74 5.92
C ARG H 35 26.15 27.17 6.37
N SER H 36 25.50 26.44 5.47
CA SER H 36 24.24 25.78 5.78
C SER H 36 24.48 24.56 6.67
N ARG H 37 23.41 24.05 7.25
CA ARG H 37 23.54 22.97 8.23
C ARG H 37 22.55 21.85 7.97
N LYS H 38 22.83 20.70 8.58
CA LYS H 38 21.96 19.54 8.50
C LYS H 38 21.70 18.92 9.83
N GLU H 39 20.63 18.14 9.90
CA GLU H 39 20.33 17.39 11.10
C GLU H 39 20.19 15.92 10.77
N SER H 40 20.75 15.08 11.62
CA SER H 40 20.63 13.64 11.45
C SER H 40 20.60 12.96 12.80
N TYR H 41 20.50 11.64 12.79
CA TYR H 41 20.45 10.89 14.02
C TYR H 41 21.72 10.09 14.23
N SER H 42 22.75 10.38 13.45
CA SER H 42 23.95 9.56 13.48
C SER H 42 24.59 9.50 14.86
N ILE H 43 24.48 10.58 15.60
CA ILE H 43 25.04 10.61 16.95
C ILE H 43 24.32 9.65 17.86
N TYR H 44 23.01 9.64 17.78
CA TYR H 44 22.21 8.89 18.71
C TYR H 44 22.25 7.41 18.37
N VAL H 45 22.29 7.11 17.08
CA VAL H 45 22.35 5.72 16.66
C VAL H 45 23.65 5.12 17.13
N TYR H 46 24.73 5.88 17.00
CA TYR H 46 26.04 5.43 17.41
C TYR H 46 26.04 5.02 18.88
N LYS H 47 25.50 5.88 19.74
CA LYS H 47 25.47 5.58 21.16
C LYS H 47 24.68 4.35 21.49
N VAL H 48 23.53 4.22 20.86
CA VAL H 48 22.68 3.09 21.18
C VAL H 48 23.43 1.81 20.91
N LEU H 49 24.18 1.77 19.81
CA LEU H 49 24.97 0.59 19.54
C LEU H 49 25.93 0.31 20.67
N LYS H 50 26.61 1.33 21.14
CA LYS H 50 27.63 1.14 22.16
C LYS H 50 27.06 0.55 23.44
N GLN H 51 25.82 0.84 23.73
CA GLN H 51 25.21 0.34 24.94
C GLN H 51 24.78 -1.10 24.78
N VAL H 52 24.90 -1.61 23.56
CA VAL H 52 24.51 -2.96 23.25
C VAL H 52 25.74 -3.82 22.92
N HIS H 53 26.60 -3.28 22.06
CA HIS H 53 27.84 -3.93 21.64
C HIS H 53 28.99 -2.93 21.71
N PRO H 54 29.54 -2.68 22.90
CA PRO H 54 30.50 -1.64 23.21
C PRO H 54 31.78 -1.71 22.39
N ASP H 55 32.07 -2.88 21.83
CA ASP H 55 33.30 -3.07 21.10
C ASP H 55 33.15 -3.03 19.57
N THR H 56 32.01 -2.58 19.06
CA THR H 56 31.84 -2.56 17.62
C THR H 56 31.55 -1.17 17.05
N GLY H 57 31.79 -1.01 15.76
CA GLY H 57 31.53 0.25 15.07
C GLY H 57 30.46 0.12 13.97
N ILE H 58 30.24 1.21 13.25
CA ILE H 58 29.23 1.26 12.20
C ILE H 58 29.79 1.88 10.91
N SER H 59 29.55 1.24 9.78
CA SER H 59 29.98 1.81 8.50
C SER H 59 29.12 3.01 8.14
N SER H 60 29.61 3.84 7.22
CA SER H 60 28.87 5.04 6.85
C SER H 60 27.53 4.72 6.22
N LYS H 61 27.47 3.59 5.55
CA LYS H 61 26.25 3.18 4.90
C LYS H 61 25.26 2.64 5.89
N ALA H 62 25.74 1.83 6.82
CA ALA H 62 24.85 1.28 7.81
C ALA H 62 24.22 2.42 8.58
N MET H 63 25.00 3.47 8.78
CA MET H 63 24.48 4.64 9.47
C MET H 63 23.43 5.33 8.63
N GLY H 64 23.70 5.46 7.32
CA GLY H 64 22.74 6.09 6.43
C GLY H 64 21.43 5.33 6.42
N ILE H 65 21.52 4.02 6.48
CA ILE H 65 20.34 3.16 6.52
C ILE H 65 19.56 3.39 7.79
N MET H 66 20.26 3.44 8.91
CA MET H 66 19.59 3.66 10.18
C MET H 66 18.90 5.01 10.21
N ASN H 67 19.44 6.00 9.53
CA ASN H 67 18.80 7.30 9.49
C ASN H 67 17.51 7.24 8.71
N SER H 68 17.50 6.52 7.60
CA SER H 68 16.27 6.39 6.84
C SER H 68 15.25 5.61 7.65
N PHE H 69 15.73 4.62 8.39
CA PHE H 69 14.87 3.83 9.24
C PHE H 69 14.15 4.68 10.28
N VAL H 70 14.90 5.51 10.99
CA VAL H 70 14.28 6.33 12.02
C VAL H 70 13.26 7.27 11.41
N ASN H 71 13.59 7.88 10.29
CA ASN H 71 12.66 8.81 9.67
C ASN H 71 11.41 8.11 9.20
N ASP H 72 11.54 6.91 8.70
CA ASP H 72 10.39 6.16 8.22
C ASP H 72 9.42 5.87 9.36
N ILE H 73 9.93 5.30 10.44
CA ILE H 73 9.05 4.93 11.53
C ILE H 73 8.44 6.17 12.15
N PHE H 74 9.24 7.21 12.30
CA PHE H 74 8.76 8.46 12.86
C PHE H 74 7.56 8.96 12.08
N GLU H 75 7.68 9.03 10.76
CA GLU H 75 6.60 9.57 9.97
C GLU H 75 5.33 8.75 10.08
N ARG H 76 5.46 7.43 10.15
CA ARG H 76 4.26 6.62 10.23
C ARG H 76 3.51 6.88 11.51
N ILE H 77 4.24 6.94 12.61
CA ILE H 77 3.60 7.12 13.89
C ILE H 77 2.97 8.49 13.95
N ALA H 78 3.72 9.50 13.51
CA ALA H 78 3.21 10.86 13.52
C ALA H 78 2.00 10.98 12.61
N GLY H 79 2.04 10.30 11.47
CA GLY H 79 0.94 10.33 10.52
C GLY H 79 -0.32 9.70 11.08
N GLU H 80 -0.18 8.53 11.69
CA GLU H 80 -1.34 7.86 12.24
C GLU H 80 -1.89 8.60 13.44
N ALA H 81 -0.99 9.11 14.28
CA ALA H 81 -1.41 9.84 15.46
C ALA H 81 -2.21 11.08 15.05
N SER H 82 -1.80 11.69 13.95
CA SER H 82 -2.50 12.85 13.41
C SER H 82 -3.94 12.51 13.10
N ARG H 83 -4.12 11.41 12.42
CA ARG H 83 -5.44 10.98 12.02
C ARG H 83 -6.31 10.60 13.19
N LEU H 84 -5.73 9.97 14.20
CA LEU H 84 -6.57 9.62 15.34
C LEU H 84 -7.17 10.87 15.94
N ALA H 85 -6.37 11.92 16.05
CA ALA H 85 -6.89 13.17 16.57
C ALA H 85 -7.95 13.73 15.63
N HIS H 86 -7.73 13.59 14.33
CA HIS H 86 -8.69 14.08 13.37
C HIS H 86 -10.02 13.34 13.49
N TYR H 87 -9.95 12.03 13.57
CA TYR H 87 -11.14 11.19 13.63
C TYR H 87 -11.92 11.52 14.87
N ASN H 88 -11.22 11.83 15.94
CA ASN H 88 -11.85 12.10 17.22
C ASN H 88 -12.02 13.60 17.45
N LYS H 89 -11.90 14.38 16.39
CA LYS H 89 -12.18 15.82 16.45
C LYS H 89 -11.35 16.56 17.46
N ARG H 90 -10.06 16.35 17.42
CA ARG H 90 -9.17 17.00 18.37
C ARG H 90 -7.96 17.64 17.70
N SER H 91 -7.38 18.61 18.39
CA SER H 91 -6.28 19.39 17.84
C SER H 91 -4.94 18.96 18.39
N THR H 92 -4.96 18.39 19.60
CA THR H 92 -3.71 18.10 20.30
C THR H 92 -3.36 16.62 20.28
N ILE H 93 -2.11 16.34 19.94
CA ILE H 93 -1.55 15.00 20.04
C ILE H 93 -0.95 14.79 21.40
N THR H 94 -1.30 13.70 22.04
CA THR H 94 -0.73 13.40 23.34
C THR H 94 -0.06 12.06 23.29
N SER H 95 0.41 11.60 24.44
CA SER H 95 1.09 10.33 24.52
C SER H 95 0.19 9.17 24.09
N ARG H 96 -1.12 9.39 24.11
CA ARG H 96 -2.03 8.32 23.77
C ARG H 96 -2.21 8.14 22.28
N GLU H 97 -2.28 9.24 21.55
CA GLU H 97 -2.43 9.11 20.12
C GLU H 97 -1.22 8.40 19.58
N ILE H 98 -0.07 8.68 20.17
CA ILE H 98 1.13 7.98 19.80
C ILE H 98 1.03 6.52 20.21
N GLN H 99 0.63 6.27 21.45
CA GLN H 99 0.54 4.90 21.93
C GLN H 99 -0.35 4.03 21.06
N THR H 100 -1.50 4.57 20.68
CA THR H 100 -2.40 3.85 19.81
C THR H 100 -1.77 3.64 18.44
N ALA H 101 -1.12 4.67 17.92
CA ALA H 101 -0.45 4.56 16.64
C ALA H 101 0.64 3.51 16.67
N VAL H 102 1.33 3.39 17.79
CA VAL H 102 2.41 2.42 17.94
C VAL H 102 1.90 1.01 17.75
N ARG H 103 0.76 0.72 18.35
CA ARG H 103 0.17 -0.60 18.23
C ARG H 103 -0.30 -0.90 16.83
N LEU H 104 -0.90 0.07 16.19
CA LEU H 104 -1.42 -0.15 14.85
C LEU H 104 -0.27 -0.44 13.89
N LEU H 105 0.85 0.21 14.12
CA LEU H 105 1.99 0.07 13.23
C LEU H 105 2.92 -1.07 13.56
N LEU H 106 3.16 -1.34 14.84
CA LEU H 106 4.10 -2.39 15.19
C LEU H 106 3.36 -3.71 15.40
N PRO H 107 4.01 -4.84 15.14
CA PRO H 107 3.60 -6.17 15.52
C PRO H 107 3.42 -6.20 17.03
N GLY H 108 2.53 -7.05 17.51
CA GLY H 108 2.15 -7.03 18.92
C GLY H 108 3.33 -7.16 19.88
N GLU H 109 4.34 -7.94 19.52
CA GLU H 109 5.46 -8.13 20.43
C GLU H 109 6.31 -6.88 20.55
N LEU H 110 6.65 -6.26 19.42
CA LEU H 110 7.43 -5.04 19.48
C LEU H 110 6.59 -3.94 20.09
N ALA H 111 5.30 -3.96 19.79
CA ALA H 111 4.44 -2.89 20.24
C ALA H 111 4.43 -2.77 21.74
N LYS H 112 4.34 -3.88 22.44
CA LYS H 112 4.21 -3.78 23.88
C LYS H 112 5.50 -3.33 24.53
N HIS H 113 6.63 -3.74 23.97
CA HIS H 113 7.89 -3.35 24.56
C HIS H 113 8.07 -1.88 24.38
N ALA H 114 7.69 -1.40 23.20
CA ALA H 114 7.76 0.01 22.90
C ALA H 114 6.82 0.79 23.80
N VAL H 115 5.65 0.23 24.06
CA VAL H 115 4.67 0.88 24.91
C VAL H 115 5.19 0.99 26.33
N SER H 116 5.81 -0.07 26.83
CA SER H 116 6.34 -0.03 28.18
C SER H 116 7.37 1.08 28.30
N GLU H 117 8.26 1.18 27.33
CA GLU H 117 9.31 2.19 27.40
C GLU H 117 8.74 3.59 27.26
N GLY H 118 7.77 3.74 26.38
CA GLY H 118 7.13 5.03 26.19
C GLY H 118 6.44 5.44 27.47
N THR H 119 5.76 4.50 28.10
CA THR H 119 5.02 4.79 29.30
C THR H 119 5.95 5.36 30.36
N LYS H 120 7.08 4.71 30.55
CA LYS H 120 8.03 5.16 31.56
C LYS H 120 8.62 6.50 31.26
N ALA H 121 9.01 6.70 30.01
CA ALA H 121 9.70 7.93 29.69
C ALA H 121 8.80 9.10 30.04
N VAL H 122 7.52 8.97 29.75
CA VAL H 122 6.57 10.02 30.06
C VAL H 122 6.25 10.06 31.54
N THR H 123 5.98 8.90 32.12
CA THR H 123 5.61 8.83 33.52
C THR H 123 6.68 9.53 34.33
N LYS H 124 7.92 9.21 34.03
CA LYS H 124 9.03 9.82 34.71
C LYS H 124 9.15 11.30 34.43
N TYR H 125 9.10 11.67 33.16
CA TYR H 125 9.28 13.06 32.80
C TYR H 125 8.31 13.93 33.57
N THR H 126 7.04 13.53 33.60
CA THR H 126 6.04 14.31 34.31
C THR H 126 6.24 14.21 35.81
N SER H 127 6.89 13.15 36.26
CA SER H 127 7.20 12.95 37.66
C SER H 127 8.56 13.54 38.00
N ALA H 128 9.22 14.11 37.00
CA ALA H 128 10.55 14.65 37.15
C ALA H 128 10.83 15.63 36.02
#